data_427D
# 
_entry.id   427D 
# 
_audit_conform.dict_name       mmcif_pdbx.dic 
_audit_conform.dict_version    5.389 
_audit_conform.dict_location   http://mmcif.pdb.org/dictionaries/ascii/mmcif_pdbx.dic 
# 
loop_
_database_2.database_id 
_database_2.database_code 
_database_2.pdbx_database_accession 
_database_2.pdbx_DOI 
PDB   427D         pdb_0000427d 10.2210/pdb427d/pdb 
NDB   DD0001       ?            ?                   
RCSB  RCSB001333   ?            ?                   
WWPDB D_1000001333 ?            ?                   
# 
loop_
_pdbx_audit_revision_history.ordinal 
_pdbx_audit_revision_history.data_content_type 
_pdbx_audit_revision_history.major_revision 
_pdbx_audit_revision_history.minor_revision 
_pdbx_audit_revision_history.revision_date 
1 'Structure model' 1 0 2000-01-24 
2 'Structure model' 1 1 2007-10-16 
3 'Structure model' 1 2 2011-07-13 
4 'Structure model' 1 3 2017-10-04 
5 'Structure model' 1 4 2023-12-27 
6 'Structure model' 1 5 2024-04-03 
# 
_pdbx_audit_revision_details.ordinal             1 
_pdbx_audit_revision_details.revision_ordinal    1 
_pdbx_audit_revision_details.data_content_type   'Structure model' 
_pdbx_audit_revision_details.provider            repository 
_pdbx_audit_revision_details.type                'Initial release' 
_pdbx_audit_revision_details.description         ? 
_pdbx_audit_revision_details.details             ? 
# 
loop_
_pdbx_audit_revision_group.ordinal 
_pdbx_audit_revision_group.revision_ordinal 
_pdbx_audit_revision_group.data_content_type 
_pdbx_audit_revision_group.group 
1 2 'Structure model' 'Version format compliance' 
2 3 'Structure model' 'Version format compliance' 
3 4 'Structure model' 'Refinement description'    
4 5 'Structure model' 'Data collection'           
5 5 'Structure model' 'Database references'       
6 5 'Structure model' 'Derived calculations'      
7 6 'Structure model' 'Refinement description'    
# 
loop_
_pdbx_audit_revision_category.ordinal 
_pdbx_audit_revision_category.revision_ordinal 
_pdbx_audit_revision_category.data_content_type 
_pdbx_audit_revision_category.category 
1 4 'Structure model' software                      
2 5 'Structure model' chem_comp_atom                
3 5 'Structure model' chem_comp_bond                
4 5 'Structure model' database_2                    
5 5 'Structure model' struct_conn                   
6 5 'Structure model' struct_site                   
7 6 'Structure model' pdbx_initial_refinement_model 
# 
loop_
_pdbx_audit_revision_item.ordinal 
_pdbx_audit_revision_item.revision_ordinal 
_pdbx_audit_revision_item.data_content_type 
_pdbx_audit_revision_item.item 
1  4 'Structure model' '_software.name'                       
2  5 'Structure model' '_database_2.pdbx_DOI'                 
3  5 'Structure model' '_database_2.pdbx_database_accession'  
4  5 'Structure model' '_struct_conn.pdbx_dist_value'         
5  5 'Structure model' '_struct_conn.pdbx_leaving_atom_flag'  
6  5 'Structure model' '_struct_conn.pdbx_ptnr1_label_alt_id' 
7  5 'Structure model' '_struct_conn.pdbx_ptnr2_label_alt_id' 
8  5 'Structure model' '_struct_conn.ptnr1_auth_comp_id'      
9  5 'Structure model' '_struct_conn.ptnr1_auth_seq_id'       
10 5 'Structure model' '_struct_conn.ptnr1_label_atom_id'     
11 5 'Structure model' '_struct_conn.ptnr1_label_comp_id'     
12 5 'Structure model' '_struct_conn.ptnr1_label_seq_id'      
13 5 'Structure model' '_struct_conn.ptnr2_auth_comp_id'      
14 5 'Structure model' '_struct_conn.ptnr2_auth_seq_id'       
15 5 'Structure model' '_struct_conn.ptnr2_label_asym_id'     
16 5 'Structure model' '_struct_conn.ptnr2_label_atom_id'     
17 5 'Structure model' '_struct_conn.ptnr2_label_comp_id'     
18 5 'Structure model' '_struct_conn.ptnr2_label_seq_id'      
19 5 'Structure model' '_struct_site.pdbx_auth_asym_id'       
20 5 'Structure model' '_struct_site.pdbx_auth_comp_id'       
21 5 'Structure model' '_struct_site.pdbx_auth_seq_id'        
# 
_pdbx_database_status.status_code                     REL 
_pdbx_database_status.entry_id                        427D 
_pdbx_database_status.recvd_initial_deposition_date   1998-09-21 
_pdbx_database_status.deposit_site                    RCSB 
_pdbx_database_status.process_site                    RCSB 
_pdbx_database_status.status_code_sf                  REL 
_pdbx_database_status.SG_entry                        . 
_pdbx_database_status.pdb_format_compatible           Y 
_pdbx_database_status.status_code_mr                  ? 
_pdbx_database_status.status_code_cs                  ? 
_pdbx_database_status.methods_development_category    ? 
_pdbx_database_status.status_code_nmr_data            ? 
# 
loop_
_audit_author.name 
_audit_author.pdbx_ordinal 
'Schuerman, G.'    1 
'Van Meervelt, L.' 2 
# 
_citation.id                        primary 
_citation.title                     'Conformational Flexibility of the DNA Backbone.' 
_citation.journal_abbrev            J.Am.Chem.Soc. 
_citation.journal_volume            122 
_citation.page_first                232 
_citation.page_last                 240 
_citation.year                      2000 
_citation.journal_id_ASTM           JACSAT 
_citation.country                   US 
_citation.journal_id_ISSN           0002-7863 
_citation.journal_id_CSD            0004 
_citation.book_publisher            ? 
_citation.pdbx_database_id_PubMed   -1 
_citation.pdbx_database_id_DOI      10.1021/ja992180m 
# 
loop_
_citation_author.citation_id 
_citation_author.name 
_citation_author.ordinal 
_citation_author.identifier_ORCID 
primary 'Schuerman, G.'    1 ? 
primary 'Van Meervelt, L.' 2 ? 
# 
loop_
_entity.id 
_entity.type 
_entity.src_method 
_entity.pdbx_description 
_entity.formula_weight 
_entity.pdbx_number_of_molecules 
_entity.pdbx_ec 
_entity.pdbx_mutation 
_entity.pdbx_fragment 
_entity.details 
1 polymer     syn 
;DNA (5'-D(*CP*GP*CP*(G49)P*CP*G)-3')
;
1824.232 1  ? ? ? ? 
2 non-polymer syn DAUNOMYCIN                             527.520  1  ? ? ? ? 
3 water       nat water                                  18.015   65 ? ? ? ? 
# 
_entity_poly.entity_id                      1 
_entity_poly.type                           polydeoxyribonucleotide 
_entity_poly.nstd_linkage                   no 
_entity_poly.nstd_monomer                   yes 
_entity_poly.pdbx_seq_one_letter_code       '(DC)(DG)(DC)(G49)(DC)(DG)' 
_entity_poly.pdbx_seq_one_letter_code_can   CGCGCG 
_entity_poly.pdbx_strand_id                 A 
_entity_poly.pdbx_target_identifier         ? 
# 
loop_
_pdbx_entity_nonpoly.entity_id 
_pdbx_entity_nonpoly.name 
_pdbx_entity_nonpoly.comp_id 
2 DAUNOMYCIN DM1 
3 water      HOH 
# 
loop_
_entity_poly_seq.entity_id 
_entity_poly_seq.num 
_entity_poly_seq.mon_id 
_entity_poly_seq.hetero 
1 1 DC  n 
1 2 DG  n 
1 3 DC  n 
1 4 G49 n 
1 5 DC  n 
1 6 DG  n 
# 
loop_
_chem_comp.id 
_chem_comp.type 
_chem_comp.mon_nstd_flag 
_chem_comp.name 
_chem_comp.pdbx_synonyms 
_chem_comp.formula 
_chem_comp.formula_weight 
DC  'DNA linking' y "2'-DEOXYCYTIDINE-5'-MONOPHOSPHATE"             ?            'C9 H14 N3 O7 P'  307.197 
DG  'DNA linking' y "2'-DEOXYGUANOSINE-5'-MONOPHOSPHATE"            ?            'C10 H14 N5 O7 P' 347.221 
DM1 non-polymer   . DAUNOMYCIN                                      DAUNORUBICIN 'C27 H29 N O10'   527.520 
G49 'DNA linking' n "N2-METHYL-2'-DEOXY-GUANOSINE-5'-MONOPHOSPHATE" ?            'C11 H16 N5 O7 P' 361.248 
HOH non-polymer   . WATER                                           ?            'H2 O'            18.015  
# 
loop_
_pdbx_poly_seq_scheme.asym_id 
_pdbx_poly_seq_scheme.entity_id 
_pdbx_poly_seq_scheme.seq_id 
_pdbx_poly_seq_scheme.mon_id 
_pdbx_poly_seq_scheme.ndb_seq_num 
_pdbx_poly_seq_scheme.pdb_seq_num 
_pdbx_poly_seq_scheme.auth_seq_num 
_pdbx_poly_seq_scheme.pdb_mon_id 
_pdbx_poly_seq_scheme.auth_mon_id 
_pdbx_poly_seq_scheme.pdb_strand_id 
_pdbx_poly_seq_scheme.pdb_ins_code 
_pdbx_poly_seq_scheme.hetero 
A 1 1 DC  1 1 1 DC  C  A . n 
A 1 2 DG  2 2 2 DG  G  A . n 
A 1 3 DC  3 3 3 DC  C  A . n 
A 1 4 G49 4 4 4 G49 +G A . n 
A 1 5 DC  5 5 5 DC  C  A . n 
A 1 6 DG  6 6 6 DG  G  A . n 
# 
loop_
_pdbx_nonpoly_scheme.asym_id 
_pdbx_nonpoly_scheme.entity_id 
_pdbx_nonpoly_scheme.mon_id 
_pdbx_nonpoly_scheme.ndb_seq_num 
_pdbx_nonpoly_scheme.pdb_seq_num 
_pdbx_nonpoly_scheme.auth_seq_num 
_pdbx_nonpoly_scheme.pdb_mon_id 
_pdbx_nonpoly_scheme.auth_mon_id 
_pdbx_nonpoly_scheme.pdb_strand_id 
_pdbx_nonpoly_scheme.pdb_ins_code 
B 2 DM1 1  7  4  DM1 DM1 A . 
C 3 HOH 1  8  7  HOH HOH A . 
C 3 HOH 2  9  8  HOH HOH A . 
C 3 HOH 3  10 9  HOH HOH A . 
C 3 HOH 4  11 10 HOH HOH A . 
C 3 HOH 5  12 11 HOH HOH A . 
C 3 HOH 6  13 12 HOH HOH A . 
C 3 HOH 7  14 13 HOH HOH A . 
C 3 HOH 8  15 14 HOH HOH A . 
C 3 HOH 9  16 15 HOH HOH A . 
C 3 HOH 10 17 18 HOH HOH A . 
C 3 HOH 11 18 19 HOH HOH A . 
C 3 HOH 12 19 20 HOH HOH A . 
C 3 HOH 13 20 21 HOH HOH A . 
C 3 HOH 14 21 22 HOH HOH A . 
C 3 HOH 15 22 23 HOH HOH A . 
C 3 HOH 16 23 25 HOH HOH A . 
C 3 HOH 17 24 26 HOH HOH A . 
C 3 HOH 18 25 27 HOH HOH A . 
C 3 HOH 19 26 28 HOH HOH A . 
C 3 HOH 20 27 29 HOH HOH A . 
C 3 HOH 21 28 30 HOH HOH A . 
C 3 HOH 22 29 31 HOH HOH A . 
C 3 HOH 23 30 38 HOH HOH A . 
C 3 HOH 24 31 41 HOH HOH A . 
C 3 HOH 25 32 42 HOH HOH A . 
C 3 HOH 26 33 43 HOH HOH A . 
C 3 HOH 27 34 44 HOH HOH A . 
C 3 HOH 28 35 45 HOH HOH A . 
C 3 HOH 29 36 46 HOH HOH A . 
C 3 HOH 30 37 47 HOH HOH A . 
C 3 HOH 31 38 48 HOH HOH A . 
C 3 HOH 32 39 49 HOH HOH A . 
C 3 HOH 33 40 50 HOH HOH A . 
C 3 HOH 34 41 51 HOH HOH A . 
C 3 HOH 35 42 52 HOH HOH A . 
C 3 HOH 36 43 53 HOH HOH A . 
C 3 HOH 37 44 54 HOH HOH A . 
C 3 HOH 38 45 55 HOH HOH A . 
C 3 HOH 39 46 57 HOH HOH A . 
C 3 HOH 40 47 65 HOH HOH A . 
C 3 HOH 41 48 66 HOH HOH A . 
C 3 HOH 42 49 69 HOH HOH A . 
C 3 HOH 43 50 70 HOH HOH A . 
C 3 HOH 44 51 71 HOH HOH A . 
C 3 HOH 45 52 72 HOH HOH A . 
C 3 HOH 46 53 75 HOH HOH A . 
C 3 HOH 47 54 76 HOH HOH A . 
C 3 HOH 48 55 77 HOH HOH A . 
C 3 HOH 49 56 78 HOH HOH A . 
C 3 HOH 50 57 79 HOH HOH A . 
C 3 HOH 51 58 80 HOH HOH A . 
C 3 HOH 52 59 81 HOH HOH A . 
C 3 HOH 53 60 24 HOH HOH A . 
C 3 HOH 54 61 56 HOH HOH A . 
C 3 HOH 55 62 58 HOH HOH A . 
C 3 HOH 56 63 16 HOH HOH A . 
C 3 HOH 57 64 32 HOH HOH A . 
C 3 HOH 58 65 34 HOH HOH A . 
C 3 HOH 59 66 36 HOH HOH A . 
C 3 HOH 60 67 39 HOH HOH A . 
C 3 HOH 61 68 59 HOH HOH A . 
C 3 HOH 62 69 61 HOH HOH A . 
C 3 HOH 63 70 63 HOH HOH A . 
C 3 HOH 64 71 67 HOH HOH A . 
C 3 HOH 65 72 73 HOH HOH A . 
# 
loop_
_software.name 
_software.classification 
_software.version 
_software.citation_id 
_software.pdbx_ordinal 
SHELXL    refinement       . ? 1 
DENZO     'data reduction' . ? 2 
SCALEPACK 'data scaling'   . ? 3 
# 
_cell.entry_id           427D 
_cell.length_a           27.818 
_cell.length_b           27.818 
_cell.length_c           51.858 
_cell.angle_alpha        90.00 
_cell.angle_beta         90.00 
_cell.angle_gamma        90.00 
_cell.Z_PDB              8 
_cell.pdbx_unique_axis   ? 
# 
_symmetry.entry_id                         427D 
_symmetry.space_group_name_H-M             'P 41 21 2' 
_symmetry.pdbx_full_space_group_name_H-M   ? 
_symmetry.cell_setting                     tetragonal 
_symmetry.Int_Tables_number                92 
# 
_exptl.entry_id          427D 
_exptl.method            'X-RAY DIFFRACTION' 
_exptl.crystals_number   1 
# 
_exptl_crystal.id                    1 
_exptl_crystal.density_meas          ? 
_exptl_crystal.density_Matthews      2.63 
_exptl_crystal.density_percent_sol   53.31 
_exptl_crystal.description           'DDF023 USED AS STARTING MODEL FOR REFINEMENT' 
# 
_exptl_crystal_grow.crystal_id      1 
_exptl_crystal_grow.method          'VAPOR DIFFUSION, SITTING DROP' 
_exptl_crystal_grow.temp            289 
_exptl_crystal_grow.temp_details    ? 
_exptl_crystal_grow.pH              7.0 
_exptl_crystal_grow.pdbx_details    'pH 7.0, VAPOR DIFFUSION, SITTING DROP, temperature 289K' 
_exptl_crystal_grow.pdbx_pH_range   ? 
# 
loop_
_exptl_crystal_grow_comp.crystal_id 
_exptl_crystal_grow_comp.id 
_exptl_crystal_grow_comp.sol_id 
_exptl_crystal_grow_comp.name 
_exptl_crystal_grow_comp.volume 
_exptl_crystal_grow_comp.conc 
_exptl_crystal_grow_comp.details 
1 1 1 'SODIUM CACODYLATE' ? ? ? 
1 2 1 NACL                ? ? ? 
1 3 1 BACL2               ? ? ? 
1 4 1 SPERMINE            ? ? ? 
1 5 1 MPD                 ? ? ? 
1 6 2 MPD                 ? ? ? 
# 
_diffrn.id                     1 
_diffrn.ambient_temp           100.0 
_diffrn.ambient_temp_details   ? 
_diffrn.crystal_id             1 
# 
_diffrn_detector.diffrn_id              1 
_diffrn_detector.detector               'IMAGE PLATE' 
_diffrn_detector.type                   MARRESEARCH 
_diffrn_detector.pdbx_collection_date   1997-06-15 
_diffrn_detector.details                ? 
# 
_diffrn_radiation.diffrn_id                        1 
_diffrn_radiation.wavelength_id                    1 
_diffrn_radiation.pdbx_monochromatic_or_laue_m_l   M 
_diffrn_radiation.monochromator                    ? 
_diffrn_radiation.pdbx_diffrn_protocol             'SINGLE WAVELENGTH' 
_diffrn_radiation.pdbx_scattering_type             x-ray 
# 
_diffrn_radiation_wavelength.id           1 
_diffrn_radiation_wavelength.wavelength   . 
_diffrn_radiation_wavelength.wt           1.0 
# 
_diffrn_source.diffrn_id                   1 
_diffrn_source.source                      SYNCHROTRON 
_diffrn_source.type                        'ELETTRA BEAMLINE 5.2R' 
_diffrn_source.pdbx_synchrotron_site       ELETTRA 
_diffrn_source.pdbx_synchrotron_beamline   5.2R 
_diffrn_source.pdbx_wavelength             ? 
_diffrn_source.pdbx_wavelength_list        ? 
# 
_reflns.entry_id                     427D 
_reflns.observed_criterion_sigma_I   0.0 
_reflns.observed_criterion_sigma_F   0.0 
_reflns.d_resolution_low             15.0 
_reflns.d_resolution_high            1.1 
_reflns.number_obs                   8581 
_reflns.number_all                   8581 
_reflns.percent_possible_obs         97.5 
_reflns.pdbx_Rmerge_I_obs            0.041 
_reflns.pdbx_Rsym_value              ? 
_reflns.pdbx_netI_over_sigmaI        25.27 
_reflns.B_iso_Wilson_estimate        ? 
_reflns.pdbx_redundancy              4.5 
_reflns.R_free_details               ? 
_reflns.pdbx_diffrn_id               1 
_reflns.pdbx_ordinal                 1 
# 
_reflns_shell.d_res_high             1.1 
_reflns_shell.d_res_low              1.12 
_reflns_shell.percent_possible_all   77.0 
_reflns_shell.Rmerge_I_obs           0.094 
_reflns_shell.pdbx_Rsym_value        ? 
_reflns_shell.meanI_over_sigI_obs    10.58 
_reflns_shell.pdbx_redundancy        3.2 
_reflns_shell.percent_possible_obs   ? 
_reflns_shell.number_unique_all      ? 
_reflns_shell.pdbx_diffrn_id         ? 
_reflns_shell.pdbx_ordinal           1 
# 
_refine.entry_id                                 427D 
_refine.ls_number_reflns_obs                     ? 
_refine.ls_number_reflns_all                     8581 
_refine.pdbx_ls_sigma_I                          ? 
_refine.pdbx_ls_sigma_F                          4.00 
_refine.pdbx_data_cutoff_high_absF               ? 
_refine.pdbx_data_cutoff_low_absF                ? 
_refine.pdbx_data_cutoff_high_rms_absF           ? 
_refine.ls_d_res_low                             15.0 
_refine.ls_d_res_high                            1.1 
_refine.ls_percent_reflns_obs                    97.5 
_refine.ls_R_factor_obs                          0.1007 
_refine.ls_R_factor_all                          0.1021 
_refine.ls_R_factor_R_work                       ? 
_refine.ls_R_factor_R_free                       ? 
_refine.ls_R_factor_R_free_error                 ? 
_refine.ls_R_factor_R_free_error_details         ? 
_refine.ls_percent_reflns_R_free                 ? 
_refine.ls_number_reflns_R_free                  ? 
_refine.ls_number_parameters                     2327 
_refine.ls_number_restraints                     ? 
_refine.occupancy_min                            ? 
_refine.occupancy_max                            ? 
_refine.B_iso_mean                               ? 
_refine.aniso_B[1][1]                            ? 
_refine.aniso_B[2][2]                            ? 
_refine.aniso_B[3][3]                            ? 
_refine.aniso_B[1][2]                            ? 
_refine.aniso_B[1][3]                            ? 
_refine.aniso_B[2][3]                            ? 
_refine.solvent_model_details                    'MOEWS & KRETSINGER, J.MOL.BIOL.91(1973)201- 228' 
_refine.solvent_model_param_ksol                 ? 
_refine.solvent_model_param_bsol                 ? 
_refine.pdbx_ls_cross_valid_method               ? 
_refine.details                                  'ANISOTROPIC UNRESTRAINED REFIN.' 
_refine.pdbx_starting_model                      DDF023 
_refine.pdbx_method_to_determine_struct          ? 
_refine.pdbx_isotropic_thermal_model             ? 
_refine.pdbx_stereochemistry_target_values       ? 
_refine.pdbx_stereochem_target_val_spec_case     ? 
_refine.pdbx_R_Free_selection_details            ? 
_refine.pdbx_overall_ESU_R                       ? 
_refine.pdbx_overall_ESU_R_Free                  ? 
_refine.overall_SU_ML                            ? 
_refine.overall_SU_B                             ? 
_refine.ls_redundancy_reflns_obs                 ? 
_refine.correlation_coeff_Fo_to_Fc               ? 
_refine.correlation_coeff_Fo_to_Fc_free          ? 
_refine.overall_SU_R_Cruickshank_DPI             ? 
_refine.overall_SU_R_free                        ? 
_refine.pdbx_refine_id                           'X-RAY DIFFRACTION' 
_refine.pdbx_diffrn_id                           1 
_refine.pdbx_TLS_residual_ADP_flag               ? 
_refine.pdbx_solvent_vdw_probe_radii             ? 
_refine.pdbx_solvent_ion_probe_radii             ? 
_refine.pdbx_solvent_shrinkage_radii             ? 
_refine.pdbx_overall_phase_error                 ? 
_refine.pdbx_overall_SU_R_free_Cruickshank_DPI   ? 
_refine.pdbx_overall_SU_R_Blow_DPI               ? 
_refine.pdbx_overall_SU_R_free_Blow_DPI          ? 
# 
_refine_analyze.entry_id                        427D 
_refine_analyze.Luzzati_coordinate_error_obs    ? 
_refine_analyze.Luzzati_sigma_a_obs             ? 
_refine_analyze.Luzzati_d_res_low_obs           ? 
_refine_analyze.Luzzati_coordinate_error_free   ? 
_refine_analyze.Luzzati_sigma_a_free            ? 
_refine_analyze.Luzzati_d_res_low_free          ? 
_refine_analyze.number_disordered_residues      27 
_refine_analyze.occupancy_sum_hydrogen          222.47 
_refine_analyze.occupancy_sum_non_hydrogen      97.0 
_refine_analyze.pdbx_refine_id                  'X-RAY DIFFRACTION' 
# 
_refine_hist.pdbx_refine_id                   'X-RAY DIFFRACTION' 
_refine_hist.cycle_id                         LAST 
_refine_hist.pdbx_number_atoms_protein        0 
_refine_hist.pdbx_number_atoms_nucleic_acid   182 
_refine_hist.pdbx_number_atoms_ligand         0 
_refine_hist.number_atoms_solvent             75 
_refine_hist.number_atoms_total               257 
_refine_hist.d_res_high                       1.1 
_refine_hist.d_res_low                        15.0 
# 
_pdbx_refine.entry_id                                    427D 
_pdbx_refine.R_factor_all_no_cutoff                      0.102 
_pdbx_refine.R_factor_obs_no_cutoff                      ? 
_pdbx_refine.free_R_factor_no_cutoff                     ? 
_pdbx_refine.free_R_val_test_set_size_perc_no_cutoff     ? 
_pdbx_refine.free_R_val_test_set_ct_no_cutoff            ? 
_pdbx_refine.R_factor_all_4sig_cutoff                    0.1007 
_pdbx_refine.R_factor_obs_4sig_cutoff                    ? 
_pdbx_refine.free_R_factor_4sig_cutoff                   ? 
_pdbx_refine.free_R_val_test_set_size_perc_4sig_cutoff   ? 
_pdbx_refine.free_R_val_test_set_ct_4sig_cutoff          ? 
_pdbx_refine.number_reflns_obs_4sig_cutoff               8277 
_pdbx_refine.number_reflns_obs_no_cutoff                 ? 
_pdbx_refine.pdbx_refine_id                              'X-RAY DIFFRACTION' 
_pdbx_refine.free_R_error_no_cutoff                      ? 
# 
_struct.entry_id                  427D 
_struct.title                     "5'-D(*CP*GP*CP*(CH2-DM1)GP*CP*G)-3'" 
_struct.pdbx_model_details        ? 
_struct.pdbx_CASP_flag            ? 
_struct.pdbx_model_type_details   ? 
# 
_struct_keywords.entry_id        427D 
_struct_keywords.pdbx_keywords   DNA 
_struct_keywords.text            
'DEOXYRIBONUCLEIC ACID, DRUG COMPLEX, FORMALDEHYDE CROSS-LINK, ATOMIC RESOLUTION, DOUBLE BACKBONE CONFORMATION, DNA' 
# 
loop_
_struct_asym.id 
_struct_asym.pdbx_blank_PDB_chainid_flag 
_struct_asym.pdbx_modified 
_struct_asym.entity_id 
_struct_asym.details 
A N N 1 ? 
B N N 2 ? 
C N N 3 ? 
# 
_struct_ref.id                         1 
_struct_ref.entity_id                  1 
_struct_ref.db_name                    PDB 
_struct_ref.db_code                    427D 
_struct_ref.pdbx_db_accession          427D 
_struct_ref.pdbx_db_isoform            ? 
_struct_ref.pdbx_seq_one_letter_code   ? 
_struct_ref.pdbx_align_begin           ? 
# 
_struct_ref_seq.align_id                      1 
_struct_ref_seq.ref_id                        1 
_struct_ref_seq.pdbx_PDB_id_code              427D 
_struct_ref_seq.pdbx_strand_id                A 
_struct_ref_seq.seq_align_beg                 1 
_struct_ref_seq.pdbx_seq_align_beg_ins_code   ? 
_struct_ref_seq.seq_align_end                 6 
_struct_ref_seq.pdbx_seq_align_end_ins_code   ? 
_struct_ref_seq.pdbx_db_accession             427D 
_struct_ref_seq.db_align_beg                  1 
_struct_ref_seq.pdbx_db_align_beg_ins_code    ? 
_struct_ref_seq.db_align_end                  6 
_struct_ref_seq.pdbx_db_align_end_ins_code    ? 
_struct_ref_seq.pdbx_auth_seq_align_beg       1 
_struct_ref_seq.pdbx_auth_seq_align_end       6 
# 
_pdbx_struct_assembly.id                   1 
_pdbx_struct_assembly.details              author_defined_assembly 
_pdbx_struct_assembly.method_details       ? 
_pdbx_struct_assembly.oligomeric_details   dimeric 
_pdbx_struct_assembly.oligomeric_count     2 
# 
_pdbx_struct_assembly_gen.assembly_id       1 
_pdbx_struct_assembly_gen.oper_expression   1,2 
_pdbx_struct_assembly_gen.asym_id_list      A,B,C 
# 
loop_
_pdbx_struct_oper_list.id 
_pdbx_struct_oper_list.type 
_pdbx_struct_oper_list.name 
_pdbx_struct_oper_list.symmetry_operation 
_pdbx_struct_oper_list.matrix[1][1] 
_pdbx_struct_oper_list.matrix[1][2] 
_pdbx_struct_oper_list.matrix[1][3] 
_pdbx_struct_oper_list.vector[1] 
_pdbx_struct_oper_list.matrix[2][1] 
_pdbx_struct_oper_list.matrix[2][2] 
_pdbx_struct_oper_list.matrix[2][3] 
_pdbx_struct_oper_list.vector[2] 
_pdbx_struct_oper_list.matrix[3][1] 
_pdbx_struct_oper_list.matrix[3][2] 
_pdbx_struct_oper_list.matrix[3][3] 
_pdbx_struct_oper_list.vector[3] 
1 'identity operation'         1_555 x,y,z            1.0000000000  0.0000000000 0.0000000000 0.0000000000  0.0000000000 1.0000000000  0.0000000000 0.0000000000 0.0000000000 0.0000000000 1.0000000000 0.0000000000 
2 'crystal symmetry operation' 8_665 -y+1,-x+1,-z+1/2 -0.9191627063 0.0379402207 0.3920465011 -4.2311104292 0.0379402207 -0.9821931155 0.1840033245 4.2729340713 0.3920465011 0.1840033245 0.9013558219 0.4589135578 
# 
_struct_biol.id                    1 
_struct_biol.pdbx_parent_biol_id   ? 
_struct_biol.details               ? 
# 
loop_
_struct_conn.id 
_struct_conn.conn_type_id 
_struct_conn.pdbx_leaving_atom_flag 
_struct_conn.pdbx_PDB_id 
_struct_conn.ptnr1_label_asym_id 
_struct_conn.ptnr1_label_comp_id 
_struct_conn.ptnr1_label_seq_id 
_struct_conn.ptnr1_label_atom_id 
_struct_conn.pdbx_ptnr1_label_alt_id 
_struct_conn.pdbx_ptnr1_PDB_ins_code 
_struct_conn.pdbx_ptnr1_standard_comp_id 
_struct_conn.ptnr1_symmetry 
_struct_conn.ptnr2_label_asym_id 
_struct_conn.ptnr2_label_comp_id 
_struct_conn.ptnr2_label_seq_id 
_struct_conn.ptnr2_label_atom_id 
_struct_conn.pdbx_ptnr2_label_alt_id 
_struct_conn.pdbx_ptnr2_PDB_ins_code 
_struct_conn.ptnr1_auth_asym_id 
_struct_conn.ptnr1_auth_comp_id 
_struct_conn.ptnr1_auth_seq_id 
_struct_conn.ptnr2_auth_asym_id 
_struct_conn.ptnr2_auth_comp_id 
_struct_conn.ptnr2_auth_seq_id 
_struct_conn.ptnr2_symmetry 
_struct_conn.pdbx_ptnr3_label_atom_id 
_struct_conn.pdbx_ptnr3_label_seq_id 
_struct_conn.pdbx_ptnr3_label_comp_id 
_struct_conn.pdbx_ptnr3_label_asym_id 
_struct_conn.pdbx_ptnr3_label_alt_id 
_struct_conn.pdbx_ptnr3_PDB_ins_code 
_struct_conn.details 
_struct_conn.pdbx_dist_value 
_struct_conn.pdbx_value_order 
_struct_conn.pdbx_role 
covale1  covale both ? A DC  3 "O3'" A ? ? 1_555 A G49 4 P     A ? A DC  3 A G49 4 1_555 ? ? ? ? ? ? ?            1.623 ? ? 
covale2  covale both ? A DC  3 "O3'" B ? ? 1_555 A G49 4 P     B ? A DC  3 A G49 4 1_555 ? ? ? ? ? ? ?            1.598 ? ? 
covale3  covale one  ? A G49 4 "O3'" B ? ? 1_555 A DC  5 P     B ? A G49 4 A DC  5 1_555 ? ? ? ? ? ? ?            1.578 ? ? 
covale4  covale one  ? A G49 4 "O3'" A ? ? 1_555 A DC  5 P     A ? A G49 4 A DC  5 1_555 ? ? ? ? ? ? ?            1.635 ? ? 
covale5  covale none ? A G49 4 CM2   ? ? ? 1_555 B DM1 . "N3'" ? ? A G49 4 A DM1 7 1_555 ? ? ? ? ? ? ?            1.565 ? ? 
hydrog1  hydrog ?    ? A DC  1 N3    ? ? ? 1_555 A DG  6 N1    ? ? A DC  1 A DG  6 8_665 ? ? ? ? ? ? WATSON-CRICK ?     ? ? 
hydrog2  hydrog ?    ? A DC  1 N4    ? ? ? 1_555 A DG  6 O6    ? ? A DC  1 A DG  6 8_665 ? ? ? ? ? ? WATSON-CRICK ?     ? ? 
hydrog3  hydrog ?    ? A DC  1 O2    ? ? ? 1_555 A DG  6 N2    ? ? A DC  1 A DG  6 8_665 ? ? ? ? ? ? WATSON-CRICK ?     ? ? 
hydrog4  hydrog ?    ? A DG  2 N1    ? ? ? 1_555 A DC  5 N3    ? ? A DG  2 A DC  5 8_665 ? ? ? ? ? ? WATSON-CRICK ?     ? ? 
hydrog5  hydrog ?    ? A DG  2 N2    ? ? ? 1_555 A DC  5 O2    ? ? A DG  2 A DC  5 8_665 ? ? ? ? ? ? WATSON-CRICK ?     ? ? 
hydrog6  hydrog ?    ? A DG  2 O6    ? ? ? 1_555 A DC  5 N4    ? ? A DG  2 A DC  5 8_665 ? ? ? ? ? ? WATSON-CRICK ?     ? ? 
hydrog7  hydrog ?    ? A DC  3 N3    ? ? ? 1_555 A G49 4 N1    ? ? A DC  3 A G49 4 8_665 ? ? ? ? ? ? WATSON-CRICK ?     ? ? 
hydrog8  hydrog ?    ? A DC  3 N4    ? ? ? 1_555 A G49 4 O6    ? ? A DC  3 A G49 4 8_665 ? ? ? ? ? ? WATSON-CRICK ?     ? ? 
hydrog9  hydrog ?    ? A DC  3 O2    ? ? ? 1_555 A G49 4 N2    ? ? A DC  3 A G49 4 8_665 ? ? ? ? ? ? WATSON-CRICK ?     ? ? 
hydrog10 hydrog ?    ? A G49 4 N1    ? ? ? 1_555 A DC  3 N3    ? ? A G49 4 A DC  3 8_665 ? ? ? ? ? ? WATSON-CRICK ?     ? ? 
hydrog11 hydrog ?    ? A G49 4 N2    ? ? ? 1_555 A DC  3 O2    ? ? A G49 4 A DC  3 8_665 ? ? ? ? ? ? WATSON-CRICK ?     ? ? 
hydrog12 hydrog ?    ? A G49 4 O6    ? ? ? 1_555 A DC  3 N4    ? ? A G49 4 A DC  3 8_665 ? ? ? ? ? ? WATSON-CRICK ?     ? ? 
hydrog13 hydrog ?    ? A DC  5 N3    ? ? ? 1_555 A DG  2 N1    ? ? A DC  5 A DG  2 8_665 ? ? ? ? ? ? WATSON-CRICK ?     ? ? 
hydrog14 hydrog ?    ? A DC  5 N4    ? ? ? 1_555 A DG  2 O6    ? ? A DC  5 A DG  2 8_665 ? ? ? ? ? ? WATSON-CRICK ?     ? ? 
hydrog15 hydrog ?    ? A DC  5 O2    ? ? ? 1_555 A DG  2 N2    ? ? A DC  5 A DG  2 8_665 ? ? ? ? ? ? WATSON-CRICK ?     ? ? 
hydrog16 hydrog ?    ? A DG  6 N1    ? ? ? 1_555 A DC  1 N3    ? ? A DG  6 A DC  1 8_665 ? ? ? ? ? ? WATSON-CRICK ?     ? ? 
hydrog17 hydrog ?    ? A DG  6 N2    ? ? ? 1_555 A DC  1 O2    ? ? A DG  6 A DC  1 8_665 ? ? ? ? ? ? WATSON-CRICK ?     ? ? 
hydrog18 hydrog ?    ? A DG  6 O6    ? ? ? 1_555 A DC  1 N4    ? ? A DG  6 A DC  1 8_665 ? ? ? ? ? ? WATSON-CRICK ?     ? ? 
# 
loop_
_struct_conn_type.id 
_struct_conn_type.criteria 
_struct_conn_type.reference 
covale ? ? 
hydrog ? ? 
# 
loop_
_struct_site.id 
_struct_site.pdbx_evidence_code 
_struct_site.pdbx_auth_asym_id 
_struct_site.pdbx_auth_comp_id 
_struct_site.pdbx_auth_seq_id 
_struct_site.pdbx_auth_ins_code 
_struct_site.pdbx_num_residues 
_struct_site.details 
AC1 Software A DM1 7 ? 14 'BINDING SITE FOR RESIDUE DM1 A 7' 
1   ?        ? ?   ? ? ?  ?                                  
# 
loop_
_struct_site_gen.id 
_struct_site_gen.site_id 
_struct_site_gen.pdbx_num_res 
_struct_site_gen.label_comp_id 
_struct_site_gen.label_asym_id 
_struct_site_gen.label_seq_id 
_struct_site_gen.pdbx_auth_ins_code 
_struct_site_gen.auth_comp_id 
_struct_site_gen.auth_asym_id 
_struct_site_gen.auth_seq_id 
_struct_site_gen.label_atom_id 
_struct_site_gen.label_alt_id 
_struct_site_gen.symmetry 
_struct_site_gen.details 
1  AC1 14 DC  A 1 ? DC  A 1  . ? 8_665 ? 
2  AC1 14 DG  A 2 ? DG  A 2  . ? 8_665 ? 
3  AC1 14 DC  A 3 ? DC  A 3  . ? 8_665 ? 
4  AC1 14 G49 A 4 ? G49 A 4  . ? 1_555 ? 
5  AC1 14 DC  A 5 ? DC  A 5  . ? 1_555 ? 
6  AC1 14 DG  A 6 ? DG  A 6  . ? 1_555 ? 
7  AC1 14 HOH C . ? HOH A 8  . ? 8_665 ? 
8  AC1 14 HOH C . ? HOH A 14 . ? 1_555 ? 
9  AC1 14 HOH C . ? HOH A 15 . ? 1_555 ? 
10 AC1 14 HOH C . ? HOH A 21 . ? 8_665 ? 
11 AC1 14 HOH C . ? HOH A 22 . ? 1_555 ? 
12 AC1 14 HOH C . ? HOH A 50 . ? 8_665 ? 
13 AC1 14 HOH C . ? HOH A 64 . ? 1_555 ? 
14 AC1 14 HOH C . ? HOH A 65 . ? 1_555 ? 
# 
loop_
_pdbx_validate_rmsd_bond.id 
_pdbx_validate_rmsd_bond.PDB_model_num 
_pdbx_validate_rmsd_bond.auth_atom_id_1 
_pdbx_validate_rmsd_bond.auth_asym_id_1 
_pdbx_validate_rmsd_bond.auth_comp_id_1 
_pdbx_validate_rmsd_bond.auth_seq_id_1 
_pdbx_validate_rmsd_bond.PDB_ins_code_1 
_pdbx_validate_rmsd_bond.label_alt_id_1 
_pdbx_validate_rmsd_bond.auth_atom_id_2 
_pdbx_validate_rmsd_bond.auth_asym_id_2 
_pdbx_validate_rmsd_bond.auth_comp_id_2 
_pdbx_validate_rmsd_bond.auth_seq_id_2 
_pdbx_validate_rmsd_bond.PDB_ins_code_2 
_pdbx_validate_rmsd_bond.label_alt_id_2 
_pdbx_validate_rmsd_bond.bond_value 
_pdbx_validate_rmsd_bond.bond_target_value 
_pdbx_validate_rmsd_bond.bond_deviation 
_pdbx_validate_rmsd_bond.bond_standard_deviation 
_pdbx_validate_rmsd_bond.linker_flag 
1 1 N1    A DC 1 ? ? C6    A DC 1 ? ? 1.420 1.367 0.053  0.006 N 
2 1 C5    A DC 1 ? ? C6    A DC 1 ? ? 1.285 1.339 -0.054 0.008 N 
3 1 "C5'" A DG 2 ? ? "C4'" A DG 2 ? ? 1.559 1.512 0.047  0.007 N 
4 1 "C5'" A DC 3 ? A "C4'" A DC 3 ? A 1.573 1.512 0.061  0.007 N 
5 1 "C5'" A DC 3 ? B "C4'" A DC 3 ? B 1.561 1.512 0.049  0.007 N 
6 1 "C2'" A DC 3 ? A "C1'" A DC 3 ? A 1.687 1.519 0.168  0.010 N 
7 1 "C2'" A DC 3 ? B "C1'" A DC 3 ? B 1.403 1.518 -0.115 0.010 N 
8 1 "O4'" A DC 3 ? A "C1'" A DC 3 ? A 1.338 1.418 -0.080 0.012 N 
9 1 C4    A DC 5 ? ? C5    A DC 5 ? ? 1.367 1.425 -0.058 0.008 N 
# 
loop_
_pdbx_validate_rmsd_angle.id 
_pdbx_validate_rmsd_angle.PDB_model_num 
_pdbx_validate_rmsd_angle.auth_atom_id_1 
_pdbx_validate_rmsd_angle.auth_asym_id_1 
_pdbx_validate_rmsd_angle.auth_comp_id_1 
_pdbx_validate_rmsd_angle.auth_seq_id_1 
_pdbx_validate_rmsd_angle.PDB_ins_code_1 
_pdbx_validate_rmsd_angle.label_alt_id_1 
_pdbx_validate_rmsd_angle.auth_atom_id_2 
_pdbx_validate_rmsd_angle.auth_asym_id_2 
_pdbx_validate_rmsd_angle.auth_comp_id_2 
_pdbx_validate_rmsd_angle.auth_seq_id_2 
_pdbx_validate_rmsd_angle.PDB_ins_code_2 
_pdbx_validate_rmsd_angle.label_alt_id_2 
_pdbx_validate_rmsd_angle.auth_atom_id_3 
_pdbx_validate_rmsd_angle.auth_asym_id_3 
_pdbx_validate_rmsd_angle.auth_comp_id_3 
_pdbx_validate_rmsd_angle.auth_seq_id_3 
_pdbx_validate_rmsd_angle.PDB_ins_code_3 
_pdbx_validate_rmsd_angle.label_alt_id_3 
_pdbx_validate_rmsd_angle.angle_value 
_pdbx_validate_rmsd_angle.angle_target_value 
_pdbx_validate_rmsd_angle.angle_deviation 
_pdbx_validate_rmsd_angle.angle_standard_deviation 
_pdbx_validate_rmsd_angle.linker_flag 
1  1 N3    A DC 1 ? ? C4    A DC 1 ? ? C5    A DC 1 ? ? 119.49 121.90 -2.41  0.40 N 
2  1 C4    A DC 1 ? ? C5    A DC 1 ? ? C6    A DC 1 ? ? 120.92 117.40 3.52   0.50 N 
3  1 N1    A DC 1 ? ? C2    A DC 1 ? ? O2    A DC 1 ? ? 122.56 118.90 3.66   0.60 N 
4  1 "C3'" A DG 2 ? ? "C2'" A DG 2 ? ? "C1'" A DG 2 ? ? 97.22  102.40 -5.18  0.80 N 
5  1 "O4'" A DC 3 ? B "C4'" A DC 3 ? B "C3'" A DC 3 ? B 102.00 104.50 -2.50  0.40 N 
6  1 "C3'" A DC 3 ? A "C2'" A DC 3 ? A "C1'" A DC 3 ? A 97.30  102.40 -5.10  0.80 N 
7  1 "O4'" A DC 3 ? B "C1'" A DC 3 ? B "C2'" A DC 3 ? B 110.38 106.80 3.58   0.50 N 
8  1 "O4'" A DC 3 ? A "C1'" A DC 3 ? A N1    A DC 3 ? ? 113.98 108.30 5.68   0.30 N 
9  1 "O4'" A DC 3 ? B "C1'" A DC 3 ? B N1    A DC 3 ? ? 102.86 108.00 -5.14  0.70 N 
10 1 C6    A DC 3 ? ? N1    A DC 3 ? ? C2    A DC 3 ? ? 123.34 120.30 3.04   0.40 N 
11 1 C6    A DC 3 ? ? N1    A DC 3 ? ? "C1'" A DC 3 ? A 113.58 120.80 -7.22  1.20 N 
12 1 C2    A DC 3 ? ? N1    A DC 3 ? ? "C1'" A DC 3 ? B 108.60 118.80 -10.20 1.10 N 
# 
loop_
_pdbx_validate_planes.id 
_pdbx_validate_planes.PDB_model_num 
_pdbx_validate_planes.auth_comp_id 
_pdbx_validate_planes.auth_asym_id 
_pdbx_validate_planes.auth_seq_id 
_pdbx_validate_planes.PDB_ins_code 
_pdbx_validate_planes.label_alt_id 
_pdbx_validate_planes.rmsd 
_pdbx_validate_planes.type 
1 1 DC A 3 ? A 0.099 'SIDE CHAIN' 
2 1 DC A 5 ? A 0.103 'SIDE CHAIN' 
# 
_pdbx_struct_mod_residue.id               1 
_pdbx_struct_mod_residue.label_asym_id    A 
_pdbx_struct_mod_residue.label_comp_id    G49 
_pdbx_struct_mod_residue.label_seq_id     4 
_pdbx_struct_mod_residue.auth_asym_id     A 
_pdbx_struct_mod_residue.auth_comp_id     G49 
_pdbx_struct_mod_residue.auth_seq_id      4 
_pdbx_struct_mod_residue.PDB_ins_code     ? 
_pdbx_struct_mod_residue.parent_comp_id   DG 
_pdbx_struct_mod_residue.details          ? 
# 
_struct_site_keywords.site_id   1 
_struct_site_keywords.text      'INTERCALATION, COVALENT' 
# 
loop_
_chem_comp_atom.comp_id 
_chem_comp_atom.atom_id 
_chem_comp_atom.type_symbol 
_chem_comp_atom.pdbx_aromatic_flag 
_chem_comp_atom.pdbx_stereo_config 
_chem_comp_atom.pdbx_ordinal 
DC  OP3    O N N 1   
DC  P      P N N 2   
DC  OP1    O N N 3   
DC  OP2    O N N 4   
DC  "O5'"  O N N 5   
DC  "C5'"  C N N 6   
DC  "C4'"  C N R 7   
DC  "O4'"  O N N 8   
DC  "C3'"  C N S 9   
DC  "O3'"  O N N 10  
DC  "C2'"  C N N 11  
DC  "C1'"  C N R 12  
DC  N1     N N N 13  
DC  C2     C N N 14  
DC  O2     O N N 15  
DC  N3     N N N 16  
DC  C4     C N N 17  
DC  N4     N N N 18  
DC  C5     C N N 19  
DC  C6     C N N 20  
DC  HOP3   H N N 21  
DC  HOP2   H N N 22  
DC  "H5'"  H N N 23  
DC  "H5''" H N N 24  
DC  "H4'"  H N N 25  
DC  "H3'"  H N N 26  
DC  "HO3'" H N N 27  
DC  "H2'"  H N N 28  
DC  "H2''" H N N 29  
DC  "H1'"  H N N 30  
DC  H41    H N N 31  
DC  H42    H N N 32  
DC  H5     H N N 33  
DC  H6     H N N 34  
DG  OP3    O N N 35  
DG  P      P N N 36  
DG  OP1    O N N 37  
DG  OP2    O N N 38  
DG  "O5'"  O N N 39  
DG  "C5'"  C N N 40  
DG  "C4'"  C N R 41  
DG  "O4'"  O N N 42  
DG  "C3'"  C N S 43  
DG  "O3'"  O N N 44  
DG  "C2'"  C N N 45  
DG  "C1'"  C N R 46  
DG  N9     N Y N 47  
DG  C8     C Y N 48  
DG  N7     N Y N 49  
DG  C5     C Y N 50  
DG  C6     C N N 51  
DG  O6     O N N 52  
DG  N1     N N N 53  
DG  C2     C N N 54  
DG  N2     N N N 55  
DG  N3     N N N 56  
DG  C4     C Y N 57  
DG  HOP3   H N N 58  
DG  HOP2   H N N 59  
DG  "H5'"  H N N 60  
DG  "H5''" H N N 61  
DG  "H4'"  H N N 62  
DG  "H3'"  H N N 63  
DG  "HO3'" H N N 64  
DG  "H2'"  H N N 65  
DG  "H2''" H N N 66  
DG  "H1'"  H N N 67  
DG  H8     H N N 68  
DG  H1     H N N 69  
DG  H21    H N N 70  
DG  H22    H N N 71  
DM1 C1     C Y N 72  
DM1 C2     C Y N 73  
DM1 C3     C Y N 74  
DM1 C4     C Y N 75  
DM1 O4     O N N 76  
DM1 C5     C Y N 77  
DM1 C6     C N N 78  
DM1 O6     O N N 79  
DM1 C7     C Y N 80  
DM1 C8     C Y N 81  
DM1 O8     O N N 82  
DM1 C9     C Y N 83  
DM1 C10    C N S 84  
DM1 O10    O N N 85  
DM1 C11    C N N 86  
DM1 C12    C N S 87  
DM1 O12    O N N 88  
DM1 C13    C N N 89  
DM1 O13    O N N 90  
DM1 C14    C N N 91  
DM1 C15    C N N 92  
DM1 C16    C Y N 93  
DM1 C17    C Y N 94  
DM1 O17    O N N 95  
DM1 C18    C Y N 96  
DM1 C19    C N N 97  
DM1 O19    O N N 98  
DM1 C20    C Y N 99  
DM1 C21    C N N 100 
DM1 "C1'"  C N R 101 
DM1 "C2'"  C N N 102 
DM1 "C3'"  C N S 103 
DM1 "N3'"  N N N 104 
DM1 "C4'"  C N S 105 
DM1 "O4'"  O N N 106 
DM1 "C5'"  C N S 107 
DM1 "O5'"  O N N 108 
DM1 "C6'"  C N N 109 
DM1 H1     H N N 110 
DM1 H2     H N N 111 
DM1 H3     H N N 112 
DM1 HO8    H N N 113 
DM1 H10    H N N 114 
DM1 H111   H N N 115 
DM1 H112   H N N 116 
DM1 HO12   H N N 117 
DM1 H141   H N N 118 
DM1 H142   H N N 119 
DM1 H143   H N N 120 
DM1 H151   H N N 121 
DM1 H152   H N N 122 
DM1 HO17   H N N 123 
DM1 H211   H N N 124 
DM1 H212   H N N 125 
DM1 H213   H N N 126 
DM1 "H1'"  H N N 127 
DM1 "H2'1" H N N 128 
DM1 "H2'2" H N N 129 
DM1 "H3'"  H N N 130 
DM1 "HN'1" H N N 131 
DM1 "HN'2" H N N 132 
DM1 "H4'"  H N N 133 
DM1 "HO4'" H N N 134 
DM1 "H5'"  H N N 135 
DM1 "H6'1" H N N 136 
DM1 "H6'2" H N N 137 
DM1 "H6'3" H N N 138 
G49 P      P N N 139 
G49 O1P    O N N 140 
G49 O2P    O N N 141 
G49 O3P    O N N 142 
G49 "O5'"  O N N 143 
G49 "C5'"  C N N 144 
G49 "C4'"  C N R 145 
G49 "O4'"  O N N 146 
G49 "C3'"  C N S 147 
G49 "O3'"  O N N 148 
G49 "C2'"  C N N 149 
G49 "C1'"  C N R 150 
G49 N9     N Y N 151 
G49 C8     C Y N 152 
G49 N7     N Y N 153 
G49 C5     C Y N 154 
G49 C6     C N N 155 
G49 O6     O N N 156 
G49 N1     N N N 157 
G49 C2     C N N 158 
G49 N2     N N N 159 
G49 CM2    C N N 160 
G49 N3     N N N 161 
G49 C4     C Y N 162 
G49 H2P    H N N 163 
G49 H3P    H N N 164 
G49 "H5'1" H N N 165 
G49 "H5'2" H N N 166 
G49 "H4'"  H N N 167 
G49 "H3'"  H N N 168 
G49 HA     H N N 169 
G49 "H2'1" H N N 170 
G49 "H2'2" H N N 171 
G49 "H1'"  H N N 172 
G49 H8     H N N 173 
G49 H1     H N N 174 
G49 H2     H N N 175 
G49 HM21   H N N 176 
G49 HM22   H N N 177 
G49 HM23   H N N 178 
HOH O      O N N 179 
HOH H1     H N N 180 
HOH H2     H N N 181 
# 
loop_
_chem_comp_bond.comp_id 
_chem_comp_bond.atom_id_1 
_chem_comp_bond.atom_id_2 
_chem_comp_bond.value_order 
_chem_comp_bond.pdbx_aromatic_flag 
_chem_comp_bond.pdbx_stereo_config 
_chem_comp_bond.pdbx_ordinal 
DC  OP3   P      sing N N 1   
DC  OP3   HOP3   sing N N 2   
DC  P     OP1    doub N N 3   
DC  P     OP2    sing N N 4   
DC  P     "O5'"  sing N N 5   
DC  OP2   HOP2   sing N N 6   
DC  "O5'" "C5'"  sing N N 7   
DC  "C5'" "C4'"  sing N N 8   
DC  "C5'" "H5'"  sing N N 9   
DC  "C5'" "H5''" sing N N 10  
DC  "C4'" "O4'"  sing N N 11  
DC  "C4'" "C3'"  sing N N 12  
DC  "C4'" "H4'"  sing N N 13  
DC  "O4'" "C1'"  sing N N 14  
DC  "C3'" "O3'"  sing N N 15  
DC  "C3'" "C2'"  sing N N 16  
DC  "C3'" "H3'"  sing N N 17  
DC  "O3'" "HO3'" sing N N 18  
DC  "C2'" "C1'"  sing N N 19  
DC  "C2'" "H2'"  sing N N 20  
DC  "C2'" "H2''" sing N N 21  
DC  "C1'" N1     sing N N 22  
DC  "C1'" "H1'"  sing N N 23  
DC  N1    C2     sing N N 24  
DC  N1    C6     sing N N 25  
DC  C2    O2     doub N N 26  
DC  C2    N3     sing N N 27  
DC  N3    C4     doub N N 28  
DC  C4    N4     sing N N 29  
DC  C4    C5     sing N N 30  
DC  N4    H41    sing N N 31  
DC  N4    H42    sing N N 32  
DC  C5    C6     doub N N 33  
DC  C5    H5     sing N N 34  
DC  C6    H6     sing N N 35  
DG  OP3   P      sing N N 36  
DG  OP3   HOP3   sing N N 37  
DG  P     OP1    doub N N 38  
DG  P     OP2    sing N N 39  
DG  P     "O5'"  sing N N 40  
DG  OP2   HOP2   sing N N 41  
DG  "O5'" "C5'"  sing N N 42  
DG  "C5'" "C4'"  sing N N 43  
DG  "C5'" "H5'"  sing N N 44  
DG  "C5'" "H5''" sing N N 45  
DG  "C4'" "O4'"  sing N N 46  
DG  "C4'" "C3'"  sing N N 47  
DG  "C4'" "H4'"  sing N N 48  
DG  "O4'" "C1'"  sing N N 49  
DG  "C3'" "O3'"  sing N N 50  
DG  "C3'" "C2'"  sing N N 51  
DG  "C3'" "H3'"  sing N N 52  
DG  "O3'" "HO3'" sing N N 53  
DG  "C2'" "C1'"  sing N N 54  
DG  "C2'" "H2'"  sing N N 55  
DG  "C2'" "H2''" sing N N 56  
DG  "C1'" N9     sing N N 57  
DG  "C1'" "H1'"  sing N N 58  
DG  N9    C8     sing Y N 59  
DG  N9    C4     sing Y N 60  
DG  C8    N7     doub Y N 61  
DG  C8    H8     sing N N 62  
DG  N7    C5     sing Y N 63  
DG  C5    C6     sing N N 64  
DG  C5    C4     doub Y N 65  
DG  C6    O6     doub N N 66  
DG  C6    N1     sing N N 67  
DG  N1    C2     sing N N 68  
DG  N1    H1     sing N N 69  
DG  C2    N2     sing N N 70  
DG  C2    N3     doub N N 71  
DG  N2    H21    sing N N 72  
DG  N2    H22    sing N N 73  
DG  N3    C4     sing N N 74  
DM1 C1    C2     doub Y N 75  
DM1 C1    C20    sing Y N 76  
DM1 C1    H1     sing N N 77  
DM1 C2    C3     sing Y N 78  
DM1 C2    H2     sing N N 79  
DM1 C3    C4     doub Y N 80  
DM1 C3    H3     sing N N 81  
DM1 C4    O4     sing N N 82  
DM1 C4    C5     sing Y N 83  
DM1 O4    C21    sing N N 84  
DM1 C5    C6     sing N N 85  
DM1 C5    C20    doub Y N 86  
DM1 C6    O6     doub N N 87  
DM1 C6    C7     sing N N 88  
DM1 C7    C8     doub Y N 89  
DM1 C7    C18    sing Y N 90  
DM1 C8    O8     sing N N 91  
DM1 C8    C9     sing Y N 92  
DM1 O8    HO8    sing N N 93  
DM1 C9    C10    sing N N 94  
DM1 C9    C16    doub Y N 95  
DM1 C10   O10    sing N N 96  
DM1 C10   C11    sing N N 97  
DM1 C10   H10    sing N N 98  
DM1 O10   "C1'"  sing N N 99  
DM1 C11   C12    sing N N 100 
DM1 C11   H111   sing N N 101 
DM1 C11   H112   sing N N 102 
DM1 C12   O12    sing N N 103 
DM1 C12   C13    sing N N 104 
DM1 C12   C15    sing N N 105 
DM1 O12   HO12   sing N N 106 
DM1 C13   O13    doub N N 107 
DM1 C13   C14    sing N N 108 
DM1 C14   H141   sing N N 109 
DM1 C14   H142   sing N N 110 
DM1 C14   H143   sing N N 111 
DM1 C15   C16    sing N N 112 
DM1 C15   H151   sing N N 113 
DM1 C15   H152   sing N N 114 
DM1 C16   C17    sing Y N 115 
DM1 C17   O17    sing N N 116 
DM1 C17   C18    doub Y N 117 
DM1 O17   HO17   sing N N 118 
DM1 C18   C19    sing N N 119 
DM1 C19   O19    doub N N 120 
DM1 C19   C20    sing N N 121 
DM1 C21   H211   sing N N 122 
DM1 C21   H212   sing N N 123 
DM1 C21   H213   sing N N 124 
DM1 "C1'" "C2'"  sing N N 125 
DM1 "C1'" "O5'"  sing N N 126 
DM1 "C1'" "H1'"  sing N N 127 
DM1 "C2'" "C3'"  sing N N 128 
DM1 "C2'" "H2'1" sing N N 129 
DM1 "C2'" "H2'2" sing N N 130 
DM1 "C3'" "N3'"  sing N N 131 
DM1 "C3'" "C4'"  sing N N 132 
DM1 "C3'" "H3'"  sing N N 133 
DM1 "N3'" "HN'1" sing N N 134 
DM1 "N3'" "HN'2" sing N N 135 
DM1 "C4'" "O4'"  sing N N 136 
DM1 "C4'" "C5'"  sing N N 137 
DM1 "C4'" "H4'"  sing N N 138 
DM1 "O4'" "HO4'" sing N N 139 
DM1 "C5'" "O5'"  sing N N 140 
DM1 "C5'" "C6'"  sing N N 141 
DM1 "C5'" "H5'"  sing N N 142 
DM1 "C6'" "H6'1" sing N N 143 
DM1 "C6'" "H6'2" sing N N 144 
DM1 "C6'" "H6'3" sing N N 145 
G49 P     O1P    doub N N 146 
G49 P     O2P    sing N N 147 
G49 P     O3P    sing N N 148 
G49 P     "O5'"  sing N N 149 
G49 O2P   H2P    sing N N 150 
G49 O3P   H3P    sing N N 151 
G49 "O5'" "C5'"  sing N N 152 
G49 "C5'" "C4'"  sing N N 153 
G49 "C5'" "H5'1" sing N N 154 
G49 "C5'" "H5'2" sing N N 155 
G49 "C4'" "O4'"  sing N N 156 
G49 "C4'" "C3'"  sing N N 157 
G49 "C4'" "H4'"  sing N N 158 
G49 "O4'" "C1'"  sing N N 159 
G49 "C3'" "O3'"  sing N N 160 
G49 "C3'" "C2'"  sing N N 161 
G49 "C3'" "H3'"  sing N N 162 
G49 "O3'" HA     sing N N 163 
G49 "C2'" "C1'"  sing N N 164 
G49 "C2'" "H2'1" sing N N 165 
G49 "C2'" "H2'2" sing N N 166 
G49 "C1'" N9     sing N N 167 
G49 "C1'" "H1'"  sing N N 168 
G49 N9    C8     sing Y N 169 
G49 N9    C4     sing Y N 170 
G49 C8    N7     doub Y N 171 
G49 C8    H8     sing N N 172 
G49 N7    C5     sing Y N 173 
G49 C5    C6     sing N N 174 
G49 C5    C4     doub Y N 175 
G49 C6    O6     doub N N 176 
G49 C6    N1     sing N N 177 
G49 N1    C2     sing N N 178 
G49 N1    H1     sing N N 179 
G49 C2    N2     sing N N 180 
G49 C2    N3     doub N N 181 
G49 N2    CM2    sing N N 182 
G49 N2    H2     sing N N 183 
G49 CM2   HM21   sing N N 184 
G49 CM2   HM22   sing N N 185 
G49 CM2   HM23   sing N N 186 
G49 N3    C4     sing N N 187 
HOH O     H1     sing N N 188 
HOH O     H2     sing N N 189 
# 
_ndb_struct_conf_na.entry_id   427D 
_ndb_struct_conf_na.feature    'b-form double helix' 
# 
loop_
_ndb_struct_na_base_pair.model_number 
_ndb_struct_na_base_pair.i_label_asym_id 
_ndb_struct_na_base_pair.i_label_comp_id 
_ndb_struct_na_base_pair.i_label_seq_id 
_ndb_struct_na_base_pair.i_symmetry 
_ndb_struct_na_base_pair.j_label_asym_id 
_ndb_struct_na_base_pair.j_label_comp_id 
_ndb_struct_na_base_pair.j_label_seq_id 
_ndb_struct_na_base_pair.j_symmetry 
_ndb_struct_na_base_pair.shear 
_ndb_struct_na_base_pair.stretch 
_ndb_struct_na_base_pair.stagger 
_ndb_struct_na_base_pair.buckle 
_ndb_struct_na_base_pair.propeller 
_ndb_struct_na_base_pair.opening 
_ndb_struct_na_base_pair.pair_number 
_ndb_struct_na_base_pair.pair_name 
_ndb_struct_na_base_pair.i_auth_asym_id 
_ndb_struct_na_base_pair.i_auth_seq_id 
_ndb_struct_na_base_pair.i_PDB_ins_code 
_ndb_struct_na_base_pair.j_auth_asym_id 
_ndb_struct_na_base_pair.j_auth_seq_id 
_ndb_struct_na_base_pair.j_PDB_ins_code 
_ndb_struct_na_base_pair.hbond_type_28 
_ndb_struct_na_base_pair.hbond_type_12 
1 A DC  1 1_555 A DG  6 8_665 0.165  -0.101 -0.095 7.293   3.736  -1.955 1 A_DC1:DG6_A  A 1 ? A 6 ? 19 1 
1 A DG  2 1_555 A DC  5 8_665 -0.103 -0.010 -0.303 -15.751 2.854  2.581  2 A_DG2:DC5_A  A 2 ? A 5 ? 19 1 
1 A DC  3 1_555 A G49 4 8_665 0.177  -0.105 0.208  -5.963  -6.396 2.736  3 A_DC3:G494_A A 3 ? A 4 ? 19 1 
1 A G49 4 1_555 A DC  3 8_665 -0.177 -0.105 0.208  5.963   -6.396 2.736  4 A_G494:DC3_A A 4 ? A 3 ? 19 1 
1 A DC  5 1_555 A DG  2 8_665 0.103  -0.010 -0.303 15.751  2.854  2.581  5 A_DC5:DG2_A  A 5 ? A 2 ? 19 1 
1 A DG  6 1_555 A DC  1 8_665 -0.165 -0.101 -0.095 -7.293  3.736  -1.955 6 A_DG6:DC1_A  A 6 ? A 1 ? 19 1 
# 
loop_
_ndb_struct_na_base_pair_step.model_number 
_ndb_struct_na_base_pair_step.i_label_asym_id_1 
_ndb_struct_na_base_pair_step.i_label_comp_id_1 
_ndb_struct_na_base_pair_step.i_label_seq_id_1 
_ndb_struct_na_base_pair_step.i_symmetry_1 
_ndb_struct_na_base_pair_step.j_label_asym_id_1 
_ndb_struct_na_base_pair_step.j_label_comp_id_1 
_ndb_struct_na_base_pair_step.j_label_seq_id_1 
_ndb_struct_na_base_pair_step.j_symmetry_1 
_ndb_struct_na_base_pair_step.i_label_asym_id_2 
_ndb_struct_na_base_pair_step.i_label_comp_id_2 
_ndb_struct_na_base_pair_step.i_label_seq_id_2 
_ndb_struct_na_base_pair_step.i_symmetry_2 
_ndb_struct_na_base_pair_step.j_label_asym_id_2 
_ndb_struct_na_base_pair_step.j_label_comp_id_2 
_ndb_struct_na_base_pair_step.j_label_seq_id_2 
_ndb_struct_na_base_pair_step.j_symmetry_2 
_ndb_struct_na_base_pair_step.shift 
_ndb_struct_na_base_pair_step.slide 
_ndb_struct_na_base_pair_step.rise 
_ndb_struct_na_base_pair_step.tilt 
_ndb_struct_na_base_pair_step.roll 
_ndb_struct_na_base_pair_step.twist 
_ndb_struct_na_base_pair_step.x_displacement 
_ndb_struct_na_base_pair_step.y_displacement 
_ndb_struct_na_base_pair_step.helical_rise 
_ndb_struct_na_base_pair_step.inclination 
_ndb_struct_na_base_pair_step.tip 
_ndb_struct_na_base_pair_step.helical_twist 
_ndb_struct_na_base_pair_step.step_number 
_ndb_struct_na_base_pair_step.step_name 
_ndb_struct_na_base_pair_step.i_auth_asym_id_1 
_ndb_struct_na_base_pair_step.i_auth_seq_id_1 
_ndb_struct_na_base_pair_step.i_PDB_ins_code_1 
_ndb_struct_na_base_pair_step.j_auth_asym_id_1 
_ndb_struct_na_base_pair_step.j_auth_seq_id_1 
_ndb_struct_na_base_pair_step.j_PDB_ins_code_1 
_ndb_struct_na_base_pair_step.i_auth_asym_id_2 
_ndb_struct_na_base_pair_step.i_auth_seq_id_2 
_ndb_struct_na_base_pair_step.i_PDB_ins_code_2 
_ndb_struct_na_base_pair_step.j_auth_asym_id_2 
_ndb_struct_na_base_pair_step.j_auth_seq_id_2 
_ndb_struct_na_base_pair_step.j_PDB_ins_code_2 
1 A DC  1 1_555 A DG  6 8_665 A DG  2 1_555 A DC  5 8_665 1.404  1.154  6.951 0.776  -3.549 34.364 3.102  -2.111 6.830 -5.986 
-1.309 34.550 1 AA_DC1DG2:DC5DG6_AA   A 1 ? A 6 ? A 2 ? A 5 ? 
1 A DG  2 1_555 A DC  5 8_665 A DC  3 1_555 A G49 4 8_665 -1.096 -0.075 3.120 -3.692 -3.668 30.443 0.553  1.360  3.215 -6.922 
6.966  30.874 2 AA_DG2DC3:G494DC5_AA  A 2 ? A 5 ? A 3 ? A 4 ? 
1 A DC  3 1_555 A G49 4 8_665 A G49 4 1_555 A DC  3 8_665 0.000  -0.363 2.929 0.000  9.190  35.163 -1.716 0.000  2.751 14.899 
0.000  36.307 3 AA_DC3G494:DC3G494_AA A 3 ? A 4 ? A 4 ? A 3 ? 
1 A G49 4 1_555 A DC  3 8_665 A DC  5 1_555 A DG  2 8_665 1.096  -0.075 3.120 3.692  -3.668 30.443 0.553  -1.360 3.215 -6.922 
-6.966 30.874 4 AA_G494DC5:DG2DC3_AA  A 4 ? A 3 ? A 5 ? A 2 ? 
1 A DC  5 1_555 A DG  2 8_665 A DG  6 1_555 A DC  1 8_665 -1.404 1.154  6.951 -0.776 -3.549 34.364 3.102  2.111  6.830 -5.986 
1.309  34.550 5 AA_DC5DG6:DC1DG2_AA   A 5 ? A 2 ? A 6 ? A 1 ? 
# 
_pdbx_initial_refinement_model.accession_code   1D33 
_pdbx_initial_refinement_model.id               1 
_pdbx_initial_refinement_model.entity_id_list   ? 
_pdbx_initial_refinement_model.type             'experimental model' 
_pdbx_initial_refinement_model.source_name      PDB 
_pdbx_initial_refinement_model.details          DDF023 
# 
_atom_sites.entry_id                    427D 
_atom_sites.fract_transf_matrix[1][1]   0.02812248 
_atom_sites.fract_transf_matrix[1][2]   -0.00772035 
_atom_sites.fract_transf_matrix[1][3]   0.02101859 
_atom_sites.fract_transf_matrix[2][1]   0.01790178 
_atom_sites.fract_transf_matrix[2][2]   -0.01251734 
_atom_sites.fract_transf_matrix[2][3]   -0.02854998 
_atom_sites.fract_transf_matrix[3][1]   0.00721494 
_atom_sites.fract_transf_matrix[3][2]   0.01759544 
_atom_sites.fract_transf_matrix[3][3]   -0.00319047 
_atom_sites.fract_transf_vector[1]      0.602910 
_atom_sites.fract_transf_vector[2]      0.539424 
_atom_sites.fract_transf_vector[3]      0.228398 
# 
loop_
_atom_type.symbol 
C 
N 
O 
P 
# 
loop_
_atom_site.group_PDB 
_atom_site.id 
_atom_site.type_symbol 
_atom_site.label_atom_id 
_atom_site.label_alt_id 
_atom_site.label_comp_id 
_atom_site.label_asym_id 
_atom_site.label_entity_id 
_atom_site.label_seq_id 
_atom_site.pdbx_PDB_ins_code 
_atom_site.Cartn_x 
_atom_site.Cartn_y 
_atom_site.Cartn_z 
_atom_site.occupancy 
_atom_site.B_iso_or_equiv 
_atom_site.pdbx_formal_charge 
_atom_site.auth_seq_id 
_atom_site.auth_comp_id 
_atom_site.auth_asym_id 
_atom_site.auth_atom_id 
_atom_site.pdbx_PDB_model_num 
ATOM   1   O "O5'" . DC  A 1 1 ? 0.636   9.326   -10.064 1.00 9.99  ? 1  DC  A "O5'" 1 
ATOM   2   C "C5'" . DC  A 1 1 ? 1.730   9.720   -10.863 1.00 8.37  ? 1  DC  A "C5'" 1 
ATOM   3   C "C4'" . DC  A 1 1 ? 2.970   9.878   -10.085 1.00 6.55  ? 1  DC  A "C4'" 1 
ATOM   4   O "O4'" . DC  A 1 1 ? 2.901   10.963  -9.172  1.00 7.08  ? 1  DC  A "O4'" 1 
ATOM   5   C "C3'" . DC  A 1 1 ? 3.308   8.644   -9.258  1.00 7.45  ? 1  DC  A "C3'" 1 
ATOM   6   O "O3'" . DC  A 1 1 ? 4.791   8.456   -9.297  1.00 8.41  ? 1  DC  A "O3'" 1 
ATOM   7   C "C2'" . DC  A 1 1 ? 2.888   9.056   -7.831  1.00 6.77  ? 1  DC  A "C2'" 1 
ATOM   8   C "C1'" . DC  A 1 1 ? 3.104   10.542  -7.843  1.00 6.24  ? 1  DC  A "C1'" 1 
ATOM   9   N N1    . DC  A 1 1 ? 2.160   11.281  -6.981  1.00 5.63  ? 1  DC  A N1    1 
ATOM   10  C C2    . DC  A 1 1 ? 2.539   11.488  -5.646  1.00 5.39  ? 1  DC  A C2    1 
ATOM   11  O O2    . DC  A 1 1 ? 3.616   11.140  -5.212  1.00 5.70  ? 1  DC  A O2    1 
ATOM   12  N N3    . DC  A 1 1 ? 1.599   12.106  -4.861  1.00 5.75  ? 1  DC  A N3    1 
ATOM   13  C C4    . DC  A 1 1 ? 0.376   12.487  -5.339  1.00 5.68  ? 1  DC  A C4    1 
ATOM   14  N N4    . DC  A 1 1 ? -0.479  13.039  -4.513  1.00 6.44  ? 1  DC  A N4    1 
ATOM   15  C C5    . DC  A 1 1 ? 0.054   12.249  -6.697  1.00 6.43  ? 1  DC  A C5    1 
ATOM   16  C C6    . DC  A 1 1 ? 0.892   11.677  -7.484  1.00 7.02  ? 1  DC  A C6    1 
ATOM   17  P P     . DG  A 1 2 ? 5.399   7.071   -9.707  1.00 9.29  ? 2  DG  A P     1 
ATOM   18  O OP1   . DG  A 1 2 ? 6.835   7.370   -9.823  1.00 11.95 ? 2  DG  A OP1   1 
ATOM   19  O OP2   . DG  A 1 2 ? 4.614   6.450   -10.838 1.00 12.25 ? 2  DG  A OP2   1 
ATOM   20  O "O5'" . DG  A 1 2 ? 5.152   6.143   -8.483  1.00 8.12  ? 2  DG  A "O5'" 1 
ATOM   21  C "C5'" . DG  A 1 2 ? 5.841   6.321   -7.294  1.00 8.24  ? 2  DG  A "C5'" 1 
ATOM   22  C "C4'" . DG  A 1 2 ? 5.263   5.378   -6.193  1.00 7.39  ? 2  DG  A "C4'" 1 
ATOM   23  O "O4'" . DG  A 1 2 ? 3.968   5.895   -5.816  1.00 7.56  ? 2  DG  A "O4'" 1 
ATOM   24  C "C3'" . DG  A 1 2 ? 5.023   3.955   -6.680  1.00 9.46  ? 2  DG  A "C3'" 1 
ATOM   25  O "O3'" A DG  A 1 2 ? 5.262   2.993   -5.601  0.49 10.74 ? 2  DG  A "O3'" 1 
ATOM   26  O "O3'" B DG  A 1 2 ? 5.586   3.035   -5.756  0.51 10.68 ? 2  DG  A "O3'" 1 
ATOM   27  C "C2'" . DG  A 1 2 ? 3.507   3.887   -6.888  1.00 9.76  ? 2  DG  A "C2'" 1 
ATOM   28  C "C1'" . DG  A 1 2 ? 3.113   4.795   -5.726  1.00 7.60  ? 2  DG  A "C1'" 1 
ATOM   29  N N9    . DG  A 1 2 ? 1.730   5.273   -5.743  1.00 6.93  ? 2  DG  A N9    1 
ATOM   30  C C8    . DG  A 1 2 ? 0.907   5.430   -6.836  1.00 7.99  ? 2  DG  A C8    1 
ATOM   31  N N7    . DG  A 1 2 ? -0.318  5.793   -6.465  1.00 8.03  ? 2  DG  A N7    1 
ATOM   32  C C5    . DG  A 1 2 ? -0.267  5.881   -5.079  1.00 6.25  ? 2  DG  A C5    1 
ATOM   33  C C6    . DG  A 1 2 ? -1.304  6.208   -4.128  1.00 5.92  ? 2  DG  A C6    1 
ATOM   34  O O6    . DG  A 1 2 ? -2.491  6.522   -4.306  1.00 6.90  ? 2  DG  A O6    1 
ATOM   35  N N1    . DG  A 1 2 ? -0.777  6.210   -2.832  1.00 5.40  ? 2  DG  A N1    1 
ATOM   36  C C2    . DG  A 1 2 ? 0.536   5.944   -2.465  1.00 5.55  ? 2  DG  A C2    1 
ATOM   37  N N2    . DG  A 1 2 ? 0.838   6.027   -1.197  1.00 5.50  ? 2  DG  A N2    1 
ATOM   38  N N3    . DG  A 1 2 ? 1.456   5.570   -3.373  1.00 5.34  ? 2  DG  A N3    1 
ATOM   39  C C4    . DG  A 1 2 ? 0.994   5.581   -4.644  1.00 5.76  ? 2  DG  A C4    1 
ATOM   40  P P     A DC  A 1 3 ? 5.968   1.633   -5.886  0.49 10.24 ? 3  DC  A P     1 
ATOM   41  P P     B DC  A 1 3 ? 7.145   2.690   -5.622  0.51 10.78 ? 3  DC  A P     1 
ATOM   42  O OP1   A DC  A 1 3 ? 7.241   2.094   -6.581  0.49 21.03 ? 3  DC  A OP1   1 
ATOM   43  O OP1   B DC  A 1 3 ? 7.961   3.779   -6.043  0.51 14.93 ? 3  DC  A OP1   1 
ATOM   44  O OP2   A DC  A 1 3 ? 5.071   0.542   -6.476  0.49 13.80 ? 3  DC  A OP2   1 
ATOM   45  O OP2   B DC  A 1 3 ? 7.384   1.465   -6.297  0.51 10.60 ? 3  DC  A OP2   1 
ATOM   46  O "O5'" A DC  A 1 3 ? 6.167   1.199   -4.399  0.49 9.86  ? 3  DC  A "O5'" 1 
ATOM   47  O "O5'" B DC  A 1 3 ? 7.318   2.529   -4.035  0.51 10.51 ? 3  DC  A "O5'" 1 
ATOM   48  C "C5'" A DC  A 1 3 ? 6.931   2.121   -3.611  0.49 12.25 ? 3  DC  A "C5'" 1 
ATOM   49  C "C5'" B DC  A 1 3 ? 6.567   1.493   -3.391  0.51 8.91  ? 3  DC  A "C5'" 1 
ATOM   50  C "C4'" A DC  A 1 3 ? 6.176   2.217   -2.234  0.49 5.63  ? 3  DC  A "C4'" 1 
ATOM   51  C "C4'" B DC  A 1 3 ? 5.888   1.934   -2.056  0.51 8.96  ? 3  DC  A "C4'" 1 
ATOM   52  O "O4'" A DC  A 1 3 ? 4.872   2.824   -2.515  0.49 6.60  ? 3  DC  A "O4'" 1 
ATOM   53  O "O4'" B DC  A 1 3 ? 4.762   2.846   -2.388  0.51 8.55  ? 3  DC  A "O4'" 1 
ATOM   54  C "C3'" A DC  A 1 3 ? 5.919   0.919   -1.481  0.49 7.19  ? 3  DC  A "C3'" 1 
ATOM   55  C "C3'" B DC  A 1 3 ? 5.209   0.890   -1.222  0.51 7.86  ? 3  DC  A "C3'" 1 
ATOM   56  O "O3'" A DC  A 1 3 ? 6.489   1.061   -0.147  0.49 6.00  ? 3  DC  A "O3'" 1 
ATOM   57  O "O3'" B DC  A 1 3 ? 6.308   0.440   -0.364  0.51 5.79  ? 3  DC  A "O3'" 1 
ATOM   58  C "C2'" A DC  A 1 3 ? 4.359   0.746   -1.431  0.49 15.54 ? 3  DC  A "C2'" 1 
ATOM   59  C "C2'" B DC  A 1 3 ? 4.265   1.793   -0.442  0.51 7.47  ? 3  DC  A "C2'" 1 
ATOM   60  C "C1'" A DC  A 1 3 ? 3.956   2.370   -1.651  0.49 10.70 ? 3  DC  A "C1'" 1 
ATOM   61  C "C1'" B DC  A 1 3 ? 3.841   2.731   -1.394  0.51 12.96 ? 3  DC  A "C1'" 1 
ATOM   62  N N1    . DC  A 1 3 ? 2.563   2.453   -2.151  1.00 7.56  ? 3  DC  A N1    1 
ATOM   63  C C2    . DC  A 1 3 ? 1.497   2.749   -1.335  1.00 6.58  ? 3  DC  A C2    1 
ATOM   64  O O2    . DC  A 1 3 ? 1.703   2.986   -0.145  1.00 7.61  ? 3  DC  A O2    1 
ATOM   65  N N3    . DC  A 1 3 ? 0.234   2.784   -1.918  1.00 6.47  ? 3  DC  A N3    1 
ATOM   66  C C4    . DC  A 1 3 ? 0.114   2.528   -3.214  1.00 7.01  ? 3  DC  A C4    1 
ATOM   67  N N4    . DC  A 1 3 ? -1.114  2.666   -3.750  1.00 7.10  ? 3  DC  A N4    1 
ATOM   68  C C5    . DC  A 1 3 ? 1.223   2.123   -4.025  1.00 7.71  ? 3  DC  A C5    1 
ATOM   69  C C6    . DC  A 1 3 ? 2.427   2.074   -3.443  1.00 7.57  ? 3  DC  A C6    1 
HETATM 70  P P     A G49 A 1 4 ? 6.538   -0.203  0.870   0.49 6.58  ? 4  G49 A P     1 
HETATM 71  P P     B G49 A 1 4 ? 6.097   -0.985  0.330   0.51 6.64  ? 4  G49 A P     1 
HETATM 72  O O1P   A G49 A 1 4 ? 7.621   0.090   1.804   0.49 7.24  ? 4  G49 A O1P   1 
HETATM 73  O O1P   B G49 A 1 4 ? 7.397   -1.295  0.958   0.51 9.18  ? 4  G49 A O1P   1 
HETATM 74  O O2P   A G49 A 1 4 ? 6.585   -1.483  0.098   0.49 7.46  ? 4  G49 A O2P   1 
HETATM 75  O O2P   B G49 A 1 4 ? 5.488   -1.978  -0.597  0.51 7.81  ? 4  G49 A O2P   1 
HETATM 76  O "O5'" A G49 A 1 4 ? 5.098   -0.102  1.594   0.49 7.39  ? 4  G49 A "O5'" 1 
HETATM 77  O "O5'" B G49 A 1 4 ? 4.992   -0.667  1.502   0.51 6.34  ? 4  G49 A "O5'" 1 
HETATM 78  C "C5'" A G49 A 1 4 ? 5.135   0.710   2.798   0.49 15.69 ? 4  G49 A "C5'" 1 
HETATM 79  C "C5'" B G49 A 1 4 ? 5.120   0.353   2.559   0.51 10.79 ? 4  G49 A "C5'" 1 
HETATM 80  C "C4'" . G49 A 1 4 ? 3.901   0.306   3.469   1.00 9.26  ? 4  G49 A "C4'" 1 
HETATM 81  O "O4'" . G49 A 1 4 ? 2.699   0.661   2.705   1.00 9.43  ? 4  G49 A "O4'" 1 
HETATM 82  C "C3'" . G49 A 1 4 ? 3.734   -1.090  3.991   1.00 9.78  ? 4  G49 A "C3'" 1 
HETATM 83  O "O3'" A G49 A 1 4 ? 3.456   -1.219  5.349   0.52 9.73  ? 4  G49 A "O3'" 1 
HETATM 84  O "O3'" B G49 A 1 4 ? 3.037   -0.836  5.293   0.48 7.78  ? 4  G49 A "O3'" 1 
HETATM 85  C "C2'" . G49 A 1 4 ? 2.643   -1.668  3.016   1.00 9.13  ? 4  G49 A "C2'" 1 
HETATM 86  C "C1'" . G49 A 1 4 ? 1.796   -0.482  2.670   1.00 8.19  ? 4  G49 A "C1'" 1 
HETATM 87  N N9    . G49 A 1 4 ? 1.175   -0.512  1.388   1.00 7.03  ? 4  G49 A N9    1 
HETATM 88  C C8    . G49 A 1 4 ? 1.732   -0.801  0.161   1.00 7.33  ? 4  G49 A C8    1 
HETATM 89  N N7    . G49 A 1 4 ? 0.919   -0.659  -0.836  1.00 6.42  ? 4  G49 A N7    1 
HETATM 90  C C5    . G49 A 1 4 ? -0.238  -0.211  -0.235  1.00 5.59  ? 4  G49 A C5    1 
HETATM 91  C C6    . G49 A 1 4 ? -1.518  0.086   -0.797  1.00 5.74  ? 4  G49 A C6    1 
HETATM 92  O O6    . G49 A 1 4 ? -1.891  0.014   -1.999  1.00 6.43  ? 4  G49 A O6    1 
HETATM 93  N N1    . G49 A 1 4 ? -2.418  0.490   0.170   1.00 5.82  ? 4  G49 A N1    1 
HETATM 94  C C2    . G49 A 1 4 ? -2.154  0.594   1.534   1.00 5.92  ? 4  G49 A C2    1 
HETATM 95  N N2    . G49 A 1 4 ? -3.183  1.031   2.277   1.00 6.12  ? 4  G49 A N2    1 
HETATM 96  C CM2   . G49 A 1 4 ? -3.024  1.124   3.674   1.00 7.38  ? 4  G49 A CM2   1 
HETATM 97  N N3    . G49 A 1 4 ? -0.987  0.262   2.056   1.00 6.57  ? 4  G49 A N3    1 
HETATM 98  C C4    . G49 A 1 4 ? -0.098  -0.113  1.086   1.00 6.26  ? 4  G49 A C4    1 
ATOM   99  P P     A DC  A 1 5 ? 3.336   -2.674  6.087   0.52 11.35 ? 5  DC  A P     1 
ATOM   100 P P     B DC  A 1 5 ? 2.919   -1.990  6.364   0.48 9.09  ? 5  DC  A P     1 
ATOM   101 O OP1   A DC  A 1 5 ? 3.436   -2.288  7.558   0.52 12.37 ? 5  DC  A OP1   1 
ATOM   102 O OP1   B DC  A 1 5 ? 2.984   -1.401  7.660   0.48 10.23 ? 5  DC  A OP1   1 
ATOM   103 O OP2   A DC  A 1 5 ? 4.228   -3.662  5.516   0.52 13.51 ? 5  DC  A OP2   1 
ATOM   104 O OP2   B DC  A 1 5 ? 3.916   -2.960  6.165   0.48 12.47 ? 5  DC  A OP2   1 
ATOM   105 O "O5'" A DC  A 1 5 ? 1.756   -3.020  5.753   0.52 11.96 ? 5  DC  A "O5'" 1 
ATOM   106 O "O5'" B DC  A 1 5 ? 1.542   -2.691  6.061   0.48 10.14 ? 5  DC  A "O5'" 1 
ATOM   107 C "C5'" A DC  A 1 5 ? 0.696   -2.358  6.238   0.52 12.90 ? 5  DC  A "C5'" 1 
ATOM   108 C "C5'" B DC  A 1 5 ? 0.396   -2.085  6.468   0.48 8.28  ? 5  DC  A "C5'" 1 
ATOM   109 C "C4'" . DC  A 1 5 ? -0.711  -2.842  5.819   1.00 9.65  ? 5  DC  A "C4'" 1 
ATOM   110 O "O4'" . DC  A 1 5 ? -0.861  -2.514  4.457   1.00 8.47  ? 5  DC  A "O4'" 1 
ATOM   111 C "C3'" . DC  A 1 5 ? -0.723  -4.331  5.981   1.00 9.17  ? 5  DC  A "C3'" 1 
ATOM   112 O "O3'" . DC  A 1 5 ? -1.973  -4.879  6.354   1.00 9.67  ? 5  DC  A "O3'" 1 
ATOM   113 C "C2'" . DC  A 1 5 ? -0.489  -4.771  4.485   1.00 9.00  ? 5  DC  A "C2'" 1 
ATOM   114 C "C1'" . DC  A 1 5 ? -1.218  -3.685  3.797   1.00 6.93  ? 5  DC  A "C1'" 1 
ATOM   115 N N1    . DC  A 1 5 ? -0.970  -3.539  2.336   1.00 6.17  ? 5  DC  A N1    1 
ATOM   116 C C2    . DC  A 1 5 ? -1.974  -2.972  1.597   1.00 5.64  ? 5  DC  A C2    1 
ATOM   117 O O2    . DC  A 1 5 ? -2.929  -2.425  2.218   1.00 6.01  ? 5  DC  A O2    1 
ATOM   118 N N3    . DC  A 1 5 ? -1.957  -3.042  0.252   1.00 5.63  ? 5  DC  A N3    1 
ATOM   119 C C4    . DC  A 1 5 ? -0.849  -3.535  -0.325  1.00 5.84  ? 5  DC  A C4    1 
ATOM   120 N N4    . DC  A 1 5 ? -0.876  -3.625  -1.667  1.00 6.81  ? 5  DC  A N4    1 
ATOM   121 C C5    . DC  A 1 5 ? 0.239   -3.982  0.373   1.00 6.93  ? 5  DC  A C5    1 
ATOM   122 C C6    . DC  A 1 5 ? 0.158   -3.978  1.709   1.00 7.11  ? 5  DC  A C6    1 
ATOM   123 P P     . DG  A 1 6 ? -2.163  -5.373  7.849   1.00 9.57  ? 6  DG  A P     1 
ATOM   124 O OP1   . DG  A 1 6 ? -1.791  -4.294  8.793   1.00 12.77 ? 6  DG  A OP1   1 
ATOM   125 O OP2   . DG  A 1 6 ? -1.476  -6.648  7.974   1.00 10.87 ? 6  DG  A OP2   1 
ATOM   126 O "O5'" . DG  A 1 6 ? -3.735  -5.681  7.888   1.00 8.83  ? 6  DG  A "O5'" 1 
ATOM   127 C "C5'" . DG  A 1 6 ? -4.697  -4.579  7.984   1.00 9.65  ? 6  DG  A "C5'" 1 
ATOM   128 C "C4'" . DG  A 1 6 ? -6.044  -5.137  7.971   1.00 7.43  ? 6  DG  A "C4'" 1 
ATOM   129 O "O4'" . DG  A 1 6 ? -6.373  -5.725  6.672   1.00 7.35  ? 6  DG  A "O4'" 1 
ATOM   130 C "C3'" . DG  A 1 6 ? -6.323  -6.255  8.965   1.00 7.36  ? 6  DG  A "C3'" 1 
ATOM   131 O "O3'" . DG  A 1 6 ? -7.680  -6.142  9.418   1.00 9.64  ? 6  DG  A "O3'" 1 
ATOM   132 C "C2'" . DG  A 1 6 ? -6.050  -7.543  8.161   1.00 7.70  ? 6  DG  A "C2'" 1 
ATOM   133 C "C1'" . DG  A 1 6 ? -6.520  -7.132  6.761   1.00 6.65  ? 6  DG  A "C1'" 1 
ATOM   134 N N9    . DG  A 1 6 ? -5.796  -7.765  5.676   1.00 6.00  ? 6  DG  A N9    1 
ATOM   135 C C8    . DG  A 1 6 ? -4.497  -8.156  5.623   1.00 6.76  ? 6  DG  A C8    1 
ATOM   136 N N7    . DG  A 1 6 ? -4.113  -8.558  4.444   1.00 6.77  ? 6  DG  A N7    1 
ATOM   137 C C5    . DG  A 1 6 ? -5.212  -8.385  3.653   1.00 5.70  ? 6  DG  A C5    1 
ATOM   138 C C6    . DG  A 1 6 ? -5.388  -8.596  2.261   1.00 5.89  ? 6  DG  A C6    1 
ATOM   139 O O6    . DG  A 1 6 ? -4.550  -9.020  1.437   1.00 6.51  ? 6  DG  A O6    1 
ATOM   140 N N1    . DG  A 1 6 ? -6.674  -8.227  1.853   1.00 5.28  ? 6  DG  A N1    1 
ATOM   141 C C2    . DG  A 1 6 ? -7.667  -7.734  2.626   1.00 5.20  ? 6  DG  A C2    1 
ATOM   142 N N2    . DG  A 1 6 ? -8.817  -7.429  2.048   1.00 5.31  ? 6  DG  A N2    1 
ATOM   143 N N3    . DG  A 1 6 ? -7.485  -7.524  3.955   1.00 5.31  ? 6  DG  A N3    1 
ATOM   144 C C4    . DG  A 1 6 ? -6.283  -7.888  4.370   1.00 5.64  ? 6  DG  A C4    1 
HETATM 145 C C1    . DM1 B 2 . ? -2.185  -6.926  -2.392  1.00 8.32  ? 7  DM1 A C1    1 
HETATM 146 C C2    . DM1 B 2 . ? -0.878  -7.323  -2.277  1.00 10.03 ? 7  DM1 A C2    1 
HETATM 147 C C3    . DM1 B 2 . ? -0.301  -7.415  -1.011  1.00 9.32  ? 7  DM1 A C3    1 
HETATM 148 C C4    . DM1 B 2 . ? -1.011  -7.098  0.082   1.00 7.61  ? 7  DM1 A C4    1 
HETATM 149 O O4    . DM1 B 2 . ? -0.446  -7.178  1.352   1.00 8.50  ? 7  DM1 A O4    1 
HETATM 150 C C5    . DM1 B 2 . ? -2.323  -6.654  -0.024  1.00 6.03  ? 7  DM1 A C5    1 
HETATM 151 C C6    . DM1 B 2 . ? -3.093  -6.236  1.187   1.00 6.30  ? 7  DM1 A C6    1 
HETATM 152 O O6    . DM1 B 2 . ? -2.645  -6.265  2.343   1.00 6.60  ? 7  DM1 A O6    1 
HETATM 153 C C7    . DM1 B 2 . ? -4.462  -5.705  0.955   1.00 5.69  ? 7  DM1 A C7    1 
HETATM 154 C C8    . DM1 B 2 . ? -5.211  -5.218  2.033   1.00 5.73  ? 7  DM1 A C8    1 
HETATM 155 O O8    . DM1 B 2 . ? -4.705  -5.215  3.303   1.00 6.04  ? 7  DM1 A O8    1 
HETATM 156 C C9    . DM1 B 2 . ? -6.521  -4.717  1.865   1.00 5.46  ? 7  DM1 A C9    1 
HETATM 157 C C10   . DM1 B 2 . ? -7.195  -4.101  3.060   1.00 6.04  ? 7  DM1 A C10   1 
HETATM 158 O O10   . DM1 B 2 . ? -6.389  -2.934  3.403   1.00 5.83  ? 7  DM1 A O10   1 
HETATM 159 C C11   . DM1 B 2 . ? -8.662  -3.753  2.842   1.00 6.59  ? 7  DM1 A C11   1 
HETATM 160 C C12   . DM1 B 2 . ? -8.938  -3.222  1.448   1.00 5.63  ? 7  DM1 A C12   1 
HETATM 161 O O12   . DM1 B 2 . ? -8.259  -1.992  1.297   1.00 5.81  ? 7  DM1 A O12   1 
HETATM 162 C C13   . DM1 B 2 . ? -10.415 -2.968  1.359   1.00 7.12  ? 7  DM1 A C13   1 
HETATM 163 O O13   . DM1 B 2 . ? -11.202 -3.835  0.956   1.00 9.22  ? 7  DM1 A O13   1 
HETATM 164 C C14   . DM1 B 2 . ? -10.964 -1.640  1.849   1.00 8.64  ? 7  DM1 A C14   1 
HETATM 165 C C15   . DM1 B 2 . ? -8.514  -4.259  0.407   1.00 5.86  ? 7  DM1 A C15   1 
HETATM 166 C C16   . DM1 B 2 . ? -7.112  -4.735  0.613   1.00 5.25  ? 7  DM1 A C16   1 
HETATM 167 C C17   . DM1 B 2 . ? -6.390  -5.212  -0.492  1.00 5.59  ? 7  DM1 A C17   1 
HETATM 168 O O17   . DM1 B 2 . ? -6.987  -5.221  -1.691  1.00 6.06  ? 7  DM1 A O17   1 
HETATM 169 C C18   . DM1 B 2 . ? -5.078  -5.687  -0.338  1.00 5.29  ? 7  DM1 A C18   1 
HETATM 170 C C19   . DM1 B 2 . ? -4.306  -6.139  -1.505  1.00 6.63  ? 7  DM1 A C19   1 
HETATM 171 O O19   . DM1 B 2 . ? -4.819  -6.136  -2.664  1.00 6.90  ? 7  DM1 A O19   1 
HETATM 172 C C20   . DM1 B 2 . ? -2.907  -6.587  -1.295  1.00 6.77  ? 7  DM1 A C20   1 
HETATM 173 C C21   . DM1 B 2 . ? 0.965   -7.602  1.407   1.00 12.20 ? 7  DM1 A C21   1 
HETATM 174 C "C1'" . DM1 B 2 . ? -6.119  -2.695  4.759   1.00 6.81  ? 7  DM1 A "C1'" 1 
HETATM 175 C "C2'" . DM1 B 2 . ? -4.738  -2.151  4.866   1.00 6.37  ? 7  DM1 A "C2'" 1 
HETATM 176 C "C3'" . DM1 B 2 . ? -4.687  -0.749  4.212   1.00 6.55  ? 7  DM1 A "C3'" 1 
HETATM 177 N "N3'" . DM1 B 2 . ? -3.280  -0.234  4.408   1.00 6.95  ? 7  DM1 A "N3'" 1 
HETATM 178 C "C4'" . DM1 B 2 . ? -5.725  0.136   4.875   1.00 8.27  ? 7  DM1 A "C4'" 1 
HETATM 179 O "O4'" . DM1 B 2 . ? -5.327  0.377   6.239   1.00 11.63 ? 7  DM1 A "O4'" 1 
HETATM 180 C "C5'" . DM1 B 2 . ? -7.054  -0.482  4.714   1.00 9.51  ? 7  DM1 A "C5'" 1 
HETATM 181 O "O5'" . DM1 B 2 . ? -7.079  -1.808  5.326   1.00 8.58  ? 7  DM1 A "O5'" 1 
HETATM 182 C "C6'" . DM1 B 2 . ? -8.181  0.253   5.381   1.00 16.63 ? 7  DM1 A "C6'" 1 
HETATM 183 O O     . HOH C 3 . ? 6.034   9.931   -5.675  1.00 8.61  ? 8  HOH A O     1 
HETATM 184 O O     . HOH C 3 . ? -11.377 -6.646  3.377   1.00 10.42 ? 9  HOH A O     1 
HETATM 185 O O     . HOH C 3 . ? -9.529  -6.095  5.355   1.00 12.35 ? 10 HOH A O     1 
HETATM 186 O O     . HOH C 3 . ? 1.675   -1.512  -3.402  1.00 11.66 ? 11 HOH A O     1 
HETATM 187 O O     . HOH C 3 . ? 0.034   6.802   -11.024 1.00 12.01 ? 12 HOH A O     1 
HETATM 188 O O     . HOH C 3 . ? -0.962  -0.940  -4.440  1.00 13.53 ? 13 HOH A O     1 
HETATM 189 O O     . HOH C 3 . ? -1.427  -8.510  3.731   1.00 9.93  ? 14 HOH A O     1 
HETATM 190 O O     . HOH C 3 . ? -9.310  -3.190  6.396   1.00 17.24 ? 15 HOH A O     1 
HETATM 191 O O     . HOH C 3 . ? 1.158   6.340   -13.465 1.00 15.02 ? 16 HOH A O     1 
HETATM 192 O O     . HOH C 3 . ? -2.609  6.653   -7.880  1.00 17.58 ? 17 HOH A O     1 
HETATM 193 O O     . HOH C 3 . ? -0.174  -8.127  6.153   1.00 18.53 ? 18 HOH A O     1 
HETATM 194 O O     . HOH C 3 . ? 1.454   -4.483  -3.245  1.00 16.76 ? 19 HOH A O     1 
HETATM 195 O O     . HOH C 3 . ? 1.879   5.061   -9.942  1.00 17.02 ? 20 HOH A O     1 
HETATM 196 O O     . HOH C 3 . ? -2.565  9.593   -7.397  1.00 19.87 ? 21 HOH A O     1 
HETATM 197 O O     . HOH C 3 . ? -2.093  0.240   6.761   1.00 18.16 ? 22 HOH A O     1 
HETATM 198 O O     . HOH C 3 . ? -11.594 -1.954  5.671   1.00 21.30 ? 23 HOH A O     1 
HETATM 199 O O     . HOH C 3 . ? -2.336  -10.562 1.027   1.00 20.38 ? 24 HOH A O     1 
HETATM 200 O O     . HOH C 3 . ? 9.997   4.725   -4.241  1.00 17.27 ? 25 HOH A O     1 
HETATM 201 O O     . HOH C 3 . ? 3.366   -9.738  3.375   1.00 23.57 ? 26 HOH A O     1 
HETATM 202 O O     . HOH C 3 . ? 2.901   -5.167  3.880   1.00 18.09 ? 27 HOH A O     1 
HETATM 203 O O     . HOH C 3 . ? 2.562   -7.624  5.231   1.00 23.88 ? 28 HOH A O     1 
HETATM 204 O O     . HOH C 3 . ? 7.925   -1.105  4.199   1.00 27.80 ? 29 HOH A O     1 
HETATM 205 O O     . HOH C 3 . ? 1.743   -1.954  10.069  1.00 35.15 ? 30 HOH A O     1 
HETATM 206 O O     . HOH C 3 . ? -1.426  1.523   -6.441  1.00 39.74 ? 31 HOH A O     1 
HETATM 207 O O     . HOH C 3 . ? 5.969   -2.147  -3.370  1.00 22.46 ? 32 HOH A O     1 
HETATM 208 O O     . HOH C 3 . ? -2.558  -1.668  9.112   1.00 24.71 ? 33 HOH A O     1 
HETATM 209 O O     . HOH C 3 . ? 0.511   -4.095  10.107  1.00 28.48 ? 34 HOH A O     1 
HETATM 210 O O     . HOH C 3 . ? -0.294  -0.117  10.255  1.00 34.45 ? 35 HOH A O     1 
HETATM 211 O O     . HOH C 3 . ? 0.935   0.975   -7.768  1.00 32.78 ? 36 HOH A O     1 
HETATM 212 O O     . HOH C 3 . ? 3.087   -5.771  -1.670  1.00 29.42 ? 37 HOH A O     1 
HETATM 213 O O     . HOH C 3 . ? 3.960   -0.785  -4.514  1.00 27.88 ? 38 HOH A O     1 
HETATM 214 O O     . HOH C 3 . ? -3.015  13.943  -5.645  1.00 25.77 ? 39 HOH A O     1 
HETATM 215 O O     . HOH C 3 . ? -4.906  5.864   -6.440  1.00 38.60 ? 40 HOH A O     1 
HETATM 216 O O     . HOH C 3 . ? 7.730   9.421   -8.049  1.00 27.62 ? 41 HOH A O     1 
HETATM 217 O O     . HOH C 3 . ? -9.424  2.021   8.252   1.00 30.14 ? 42 HOH A O     1 
HETATM 218 O O     . HOH C 3 . ? 6.569   -4.668  3.016   1.00 42.24 ? 43 HOH A O     1 
HETATM 219 O O     . HOH C 3 . ? -5.250  13.053  -6.239  1.00 39.26 ? 44 HOH A O     1 
HETATM 220 O O     . HOH C 3 . ? -2.754  14.713  -8.578  1.00 28.49 ? 45 HOH A O     1 
HETATM 221 O O     . HOH C 3 . ? 7.996   8.035   -12.158 1.00 55.52 ? 46 HOH A O     1 
HETATM 222 O O     . HOH C 3 . ? -5.429  13.967  -9.213  1.00 85.18 ? 47 HOH A O     1 
HETATM 223 O O     . HOH C 3 . ? -8.500  -1.939  8.554   1.00 37.37 ? 48 HOH A O     1 
HETATM 224 O O     . HOH C 3 . ? -5.114  10.357  -7.200  1.00 37.31 ? 49 HOH A O     1 
HETATM 225 O O     . HOH C 3 . ? 9.118   7.327   -4.769  1.00 52.07 ? 50 HOH A O     1 
HETATM 226 O O     . HOH C 3 . ? -6.234  8.343   -5.519  1.00 53.71 ? 51 HOH A O     1 
HETATM 227 O O     . HOH C 3 . ? 0.707   1.634   5.920   1.00 44.56 ? 52 HOH A O     1 
HETATM 228 O O     . HOH C 3 . ? -2.394  -8.577  9.421   1.00 55.61 ? 53 HOH A O     1 
HETATM 229 O O     . HOH C 3 . ? 9.014   5.619   -9.340  1.00 47.73 ? 54 HOH A O     1 
HETATM 230 O O     . HOH C 3 . ? 2.145   2.391   -9.888  1.00 66.77 ? 55 HOH A O     1 
HETATM 231 O O     . HOH C 3 . ? 8.542   -4.025  7.041   1.00 58.43 ? 56 HOH A O     1 
HETATM 232 O O     . HOH C 3 . ? -12.509 -1.349  8.315   1.00 51.25 ? 57 HOH A O     1 
HETATM 233 O O     . HOH C 3 . ? 9.318   8.954   -2.253  1.00 75.12 ? 58 HOH A O     1 
HETATM 234 O O     . HOH C 3 . ? 0.384   1.350   11.967  1.00 56.02 ? 59 HOH A O     1 
HETATM 235 O O     B HOH C 3 . ? -1.752  10.777  -9.730  0.51 9.72  ? 60 HOH A O     1 
HETATM 236 O O     A HOH C 3 . ? 8.504   4.169   -6.322  0.49 22.15 ? 61 HOH A O     1 
HETATM 237 O O     A HOH C 3 . ? -4.918  -0.981  10.271  0.49 14.32 ? 62 HOH A O     1 
HETATM 238 O O     A HOH C 3 . ? 3.784   6.954   -13.282 0.49 8.88  ? 63 HOH A O     1 
HETATM 239 O O     B HOH C 3 . ? 3.782   8.065   -13.248 0.51 18.82 ? 63 HOH A O     1 
HETATM 240 O O     A HOH C 3 . ? -6.791  2.401   7.717   0.49 17.79 ? 64 HOH A O     1 
HETATM 241 O O     B HOH C 3 . ? -5.439  2.438   7.758   0.51 24.43 ? 64 HOH A O     1 
HETATM 242 O O     A HOH C 3 . ? -6.317  -1.389  7.970   0.49 16.48 ? 65 HOH A O     1 
HETATM 243 O O     B HOH C 3 . ? -5.464  -1.246  8.595   0.51 15.86 ? 65 HOH A O     1 
HETATM 244 O O     A HOH C 3 . ? 4.219   -2.899  -0.465  0.49 13.90 ? 66 HOH A O     1 
HETATM 245 O O     B HOH C 3 . ? 3.749   -3.972  0.086   0.51 12.37 ? 66 HOH A O     1 
HETATM 246 O O     A HOH C 3 . ? 7.019   -4.630  5.504   0.49 28.37 ? 67 HOH A O     1 
HETATM 247 O O     B HOH C 3 . ? 6.606   -3.353  4.998   0.51 15.05 ? 67 HOH A O     1 
HETATM 248 O O     A HOH C 3 . ? 8.826   -1.090  -4.022  0.49 16.33 ? 68 HOH A O     1 
HETATM 249 O O     B HOH C 3 . ? 8.584   -2.455  -4.984  0.51 22.84 ? 68 HOH A O     1 
HETATM 250 O O     A HOH C 3 . ? -9.727  -5.280  7.661   0.49 18.55 ? 69 HOH A O     1 
HETATM 251 O O     B HOH C 3 . ? -10.851 -6.016  8.007   0.51 39.45 ? 69 HOH A O     1 
HETATM 252 O O     A HOH C 3 . ? -0.650  -10.891 2.981   0.49 18.31 ? 70 HOH A O     1 
HETATM 253 O O     B HOH C 3 . ? 0.620   -10.650 3.370   0.51 30.21 ? 70 HOH A O     1 
HETATM 254 O O     A HOH C 3 . ? 4.173   -5.287  1.184   0.49 20.85 ? 71 HOH A O     1 
HETATM 255 O O     B HOH C 3 . ? 4.536   -5.766  2.084   0.51 25.28 ? 71 HOH A O     1 
HETATM 256 O O     A HOH C 3 . ? 2.484   -0.004  8.397   0.49 25.34 ? 72 HOH A O     1 
HETATM 257 O O     B HOH C 3 . ? 2.443   1.504   7.339   0.51 25.61 ? 72 HOH A O     1 
# 
